data_9QJU
#
_entry.id   9QJU
#
_cell.length_a   1.00
_cell.length_b   1.00
_cell.length_c   1.00
_cell.angle_alpha   90.00
_cell.angle_beta   90.00
_cell.angle_gamma   90.00
#
_symmetry.space_group_name_H-M   'P 1'
#
_entity_poly.entity_id   1
_entity_poly.type   'polypeptide(L)'
_entity_poly.pdbx_seq_one_letter_code
;MDEKTTGWRGGHVVEGLAGELEQLRARLEHHPQGQREPEQKLISEEDLGTLEVLFQGPSSQTITSLDPNCVIVFNKTSSA
NEKSLNVEFKRLNIHSIIEPGHDLQTSYAFIRIHQDNAKPLFSFLQNLDFIESIIPYHDTELSDDLHKLISISKSKILEA
PKQYELYNLSNLTNNPKQSLYFAFLQNYIKWLIPFSFFGLSIRFLSNFTYEFNSTYSLFAILWTLSFTAFWLYKYEPFWS
DRLSKYSSFSTIEFLQDKQKAQKKASSVIMLKKCCFIPVALLFGAILLSFQLYCFALEIFIKQIYNGPMISILSFLPTIL
ICTFTPVLTVIYNKYFVEPMTKWENHSSVVNAKKSKEAKNFVIIFLSSYVPLLITLFLYLPMGHLLTAEIRTKVFNAFSI
LARLPTHDSDFIIDTKRYEDQFFYFIVINQLIQFSMENFVPSLVSIAQQKINGPNPNFVKAESEIGKAQLSSSDMKIWSK
VKSYQTDPWGATFDLDANFKKLLLQFGYLVMFSTIWPLAPFICLIVNLIVYQVDLRKAVLYSKPEYFPFPIYDKPSSVSN
TQKLTVGLWNSVLVMFSILGCVITATLTYMYQSCNIPGVGAHTSIHTNKAWYLANPINHSWINIVLYAVFIEHVSVAIFF
LFSSILKSSHDDVANGIVPKHVVNVQNPPKQEVFEKIPSPEFNSNNEKELVQRKGSANEKLHQELGEKQPASSANGYEAH
AATHANNDPSSLSSASSPSLSSSSSSSKTGVVKAVDNDTAGSAGKKPLATESTEA
;
_entity_poly.pdbx_strand_id   B,A
#
# COMPACT_ATOMS: atom_id res chain seq x y z
N GLN A 61 -9.56 -59.42 10.81
CA GLN A 61 -9.67 -58.01 11.14
C GLN A 61 -10.61 -57.28 10.18
N THR A 62 -11.39 -56.35 10.71
CA THR A 62 -12.36 -55.59 9.94
C THR A 62 -11.97 -54.13 9.94
N ILE A 63 -12.51 -53.38 8.98
CA ILE A 63 -12.21 -51.96 8.87
C ILE A 63 -12.69 -51.21 10.11
N THR A 64 -13.83 -51.62 10.66
CA THR A 64 -14.37 -50.95 11.83
C THR A 64 -13.41 -51.08 13.02
N SER A 65 -12.88 -52.28 13.24
CA SER A 65 -11.91 -52.46 14.32
C SER A 65 -10.61 -51.71 14.02
N LEU A 66 -10.28 -51.58 12.74
CA LEU A 66 -9.06 -50.87 12.36
C LEU A 66 -9.14 -49.40 12.75
N ASP A 67 -10.30 -48.77 12.54
CA ASP A 67 -10.52 -47.36 12.79
C ASP A 67 -9.50 -46.54 11.99
N PRO A 68 -9.62 -46.52 10.66
CA PRO A 68 -8.56 -45.93 9.84
C PRO A 68 -8.39 -44.44 10.10
N ASN A 69 -7.14 -43.99 10.08
CA ASN A 69 -6.80 -42.58 10.16
C ASN A 69 -6.56 -41.96 8.80
N CYS A 70 -6.51 -42.76 7.74
CA CYS A 70 -6.18 -42.27 6.41
C CYS A 70 -6.47 -43.37 5.40
N VAL A 71 -6.74 -42.96 4.16
CA VAL A 71 -6.96 -43.89 3.06
C VAL A 71 -5.99 -43.54 1.94
N ILE A 72 -5.23 -44.54 1.48
CA ILE A 72 -4.29 -44.37 0.37
C ILE A 72 -4.97 -44.95 -0.86
N VAL A 73 -5.70 -44.12 -1.59
CA VAL A 73 -6.40 -44.60 -2.78
C VAL A 73 -5.42 -44.58 -3.96
N PHE A 74 -5.22 -45.74 -4.58
CA PHE A 74 -4.34 -45.88 -5.73
C PHE A 74 -5.10 -46.53 -6.86
N ASN A 75 -4.68 -46.25 -8.08
CA ASN A 75 -5.36 -46.80 -9.24
C ASN A 75 -5.16 -48.31 -9.32
N LYS A 76 -6.28 -49.04 -9.47
CA LYS A 76 -6.22 -50.50 -9.51
C LYS A 76 -5.51 -51.01 -10.76
N THR A 77 -5.38 -50.19 -11.80
CA THR A 77 -4.56 -50.58 -12.94
C THR A 77 -3.11 -50.77 -12.51
N SER A 78 -2.60 -49.89 -11.65
CA SER A 78 -1.26 -50.07 -11.11
C SER A 78 -1.24 -51.15 -10.03
N SER A 79 -2.34 -51.31 -9.30
CA SER A 79 -2.41 -52.38 -8.30
C SER A 79 -2.50 -53.75 -8.93
N ALA A 80 -2.79 -53.83 -10.23
CA ALA A 80 -2.65 -55.10 -10.95
C ALA A 80 -1.21 -55.57 -10.90
N ASN A 81 -0.27 -54.65 -11.09
CA ASN A 81 1.12 -54.91 -10.75
C ASN A 81 1.25 -55.06 -9.24
N GLU A 82 2.32 -55.73 -8.82
CA GLU A 82 2.49 -56.09 -7.42
C GLU A 82 2.92 -54.92 -6.54
N LYS A 83 2.82 -53.69 -7.04
CA LYS A 83 3.15 -52.53 -6.20
C LYS A 83 2.23 -52.42 -5.00
N SER A 84 0.99 -52.91 -5.12
CA SER A 84 0.11 -52.94 -3.96
C SER A 84 0.68 -53.83 -2.87
N LEU A 85 1.39 -54.88 -3.25
CA LEU A 85 2.08 -55.71 -2.27
C LEU A 85 3.30 -54.98 -1.70
N ASN A 86 4.00 -54.22 -2.55
CA ASN A 86 5.19 -53.51 -2.10
C ASN A 86 4.85 -52.48 -1.01
N VAL A 87 3.79 -51.70 -1.23
CA VAL A 87 3.40 -50.73 -0.21
C VAL A 87 2.90 -51.42 1.04
N GLU A 88 2.32 -52.62 0.91
CA GLU A 88 1.96 -53.40 2.09
C GLU A 88 3.20 -53.81 2.87
N PHE A 89 4.25 -54.23 2.15
CA PHE A 89 5.50 -54.58 2.81
C PHE A 89 6.11 -53.38 3.52
N LYS A 90 6.11 -52.21 2.87
CA LYS A 90 6.55 -51.00 3.55
C LYS A 90 5.69 -50.72 4.77
N ARG A 91 4.41 -51.10 4.73
CA ARG A 91 3.49 -50.89 5.84
C ARG A 91 3.58 -51.99 6.90
N LEU A 92 4.73 -52.66 6.99
CA LEU A 92 4.92 -53.67 8.02
C LEU A 92 4.89 -53.07 9.42
N ASN A 93 5.02 -51.76 9.55
CA ASN A 93 5.06 -51.11 10.85
C ASN A 93 3.68 -50.75 11.40
N ILE A 94 2.71 -50.49 10.53
CA ILE A 94 1.38 -50.04 10.94
C ILE A 94 0.34 -50.87 10.21
N HIS A 95 -0.75 -51.17 10.89
CA HIS A 95 -1.78 -52.05 10.35
C HIS A 95 -2.39 -51.46 9.09
N SER A 96 -2.74 -52.33 8.14
CA SER A 96 -3.29 -51.91 6.87
C SER A 96 -4.26 -52.94 6.34
N ILE A 97 -5.33 -52.47 5.71
CA ILE A 97 -6.33 -53.30 5.06
C ILE A 97 -6.60 -52.74 3.68
N ILE A 98 -6.56 -53.59 2.66
CA ILE A 98 -6.75 -53.19 1.27
C ILE A 98 -8.08 -53.75 0.77
N GLU A 99 -8.90 -52.89 0.20
CA GLU A 99 -10.18 -53.27 -0.36
C GLU A 99 -10.34 -52.70 -1.76
N PRO A 100 -11.15 -53.32 -2.60
CA PRO A 100 -11.38 -52.77 -3.94
C PRO A 100 -12.02 -51.39 -3.86
N GLY A 101 -11.66 -50.53 -4.81
CA GLY A 101 -12.08 -49.15 -4.82
C GLY A 101 -13.46 -48.96 -5.41
N HIS A 102 -13.80 -47.69 -5.63
CA HIS A 102 -15.11 -47.36 -6.18
C HIS A 102 -15.29 -47.91 -7.59
N ASP A 103 -14.24 -47.83 -8.41
CA ASP A 103 -14.28 -48.37 -9.76
C ASP A 103 -13.12 -49.35 -9.96
N LEU A 104 -13.23 -50.15 -11.03
CA LEU A 104 -12.31 -51.25 -11.25
C LEU A 104 -10.88 -50.78 -11.51
N GLN A 105 -10.67 -49.49 -11.76
CA GLN A 105 -9.33 -48.92 -11.91
C GLN A 105 -8.92 -48.13 -10.68
N THR A 106 -9.50 -48.41 -9.52
CA THR A 106 -9.10 -47.84 -8.25
C THR A 106 -9.21 -48.89 -7.16
N SER A 107 -8.47 -48.69 -6.08
CA SER A 107 -8.50 -49.61 -4.94
C SER A 107 -8.13 -48.83 -3.68
N TYR A 108 -9.00 -48.90 -2.68
CA TYR A 108 -8.77 -48.18 -1.43
C TYR A 108 -7.74 -48.91 -0.57
N ALA A 109 -7.10 -48.16 0.33
CA ALA A 109 -6.14 -48.70 1.30
C ALA A 109 -6.44 -48.07 2.65
N PHE A 110 -7.30 -48.72 3.43
CA PHE A 110 -7.63 -48.23 4.76
C PHE A 110 -6.48 -48.54 5.71
N ILE A 111 -5.76 -47.51 6.14
CA ILE A 111 -4.59 -47.65 7.00
C ILE A 111 -4.73 -46.71 8.19
N ARG A 112 -3.99 -47.02 9.25
CA ARG A 112 -3.96 -46.21 10.47
C ARG A 112 -2.51 -45.79 10.71
N ILE A 113 -2.29 -44.51 10.95
CA ILE A 113 -0.96 -43.98 11.20
C ILE A 113 -0.95 -43.22 12.51
N HIS A 114 0.23 -43.13 13.12
CA HIS A 114 0.47 -42.33 14.30
C HIS A 114 1.49 -41.24 13.98
N GLN A 115 1.83 -40.45 15.00
CA GLN A 115 2.79 -39.38 14.78
C GLN A 115 4.20 -39.89 14.57
N ASP A 116 4.48 -41.15 14.93
CA ASP A 116 5.83 -41.67 14.78
C ASP A 116 6.12 -42.10 13.34
N ASN A 117 5.37 -43.10 12.85
CA ASN A 117 5.61 -43.64 11.51
C ASN A 117 4.67 -42.96 10.52
N ALA A 118 4.88 -41.65 10.35
CA ALA A 118 4.10 -40.85 9.42
C ALA A 118 4.98 -40.24 8.34
N LYS A 119 6.06 -39.55 8.71
CA LYS A 119 6.92 -38.92 7.71
C LYS A 119 7.55 -39.92 6.74
N PRO A 120 8.11 -41.06 7.18
CA PRO A 120 8.65 -42.01 6.19
C PRO A 120 7.61 -42.51 5.21
N LEU A 121 6.38 -42.75 5.68
CA LEU A 121 5.33 -43.21 4.79
C LEU A 121 5.04 -42.15 3.72
N PHE A 122 4.98 -40.89 4.13
CA PHE A 122 4.64 -39.83 3.18
C PHE A 122 5.79 -39.56 2.22
N SER A 123 7.03 -39.72 2.68
CA SER A 123 8.16 -39.61 1.76
C SER A 123 8.13 -40.74 0.73
N PHE A 124 7.80 -41.96 1.17
CA PHE A 124 7.60 -43.05 0.22
C PHE A 124 6.50 -42.71 -0.78
N LEU A 125 5.38 -42.17 -0.30
CA LEU A 125 4.29 -41.82 -1.20
C LEU A 125 4.70 -40.75 -2.19
N GLN A 126 5.48 -39.76 -1.76
CA GLN A 126 5.97 -38.74 -2.67
C GLN A 126 6.88 -39.36 -3.74
N ASN A 127 7.76 -40.26 -3.34
CA ASN A 127 8.60 -40.95 -4.33
C ASN A 127 7.81 -41.96 -5.16
N LEU A 128 6.59 -42.30 -4.74
CA LEU A 128 5.87 -43.42 -5.36
C LEU A 128 5.26 -43.01 -6.68
N ASP A 129 4.70 -41.80 -6.75
CA ASP A 129 4.13 -41.19 -7.96
C ASP A 129 3.13 -42.10 -8.68
N PHE A 130 2.52 -43.07 -7.98
CA PHE A 130 1.44 -43.88 -8.54
C PHE A 130 0.19 -43.84 -7.66
N ILE A 131 0.07 -42.83 -6.81
CA ILE A 131 -1.09 -42.69 -5.92
C ILE A 131 -2.04 -41.67 -6.53
N GLU A 132 -3.33 -41.85 -6.26
CA GLU A 132 -4.35 -40.95 -6.79
C GLU A 132 -4.55 -39.75 -5.87
N SER A 133 -4.88 -40.02 -4.61
CA SER A 133 -5.02 -38.97 -3.61
C SER A 133 -4.84 -39.60 -2.24
N ILE A 134 -4.68 -38.74 -1.23
CA ILE A 134 -4.50 -39.19 0.14
C ILE A 134 -5.39 -38.33 1.04
N ILE A 135 -6.22 -38.99 1.84
CA ILE A 135 -7.28 -38.33 2.60
C ILE A 135 -7.06 -38.62 4.08
N PRO A 136 -6.92 -37.59 4.92
CA PRO A 136 -6.84 -37.84 6.37
C PRO A 136 -8.21 -38.11 6.98
N TYR A 137 -8.73 -39.31 6.75
CA TYR A 137 -10.09 -39.63 7.17
C TYR A 137 -10.23 -39.54 8.68
N HIS A 138 -11.35 -38.97 9.12
CA HIS A 138 -11.64 -38.89 10.54
C HIS A 138 -11.96 -40.27 11.09
N ASP A 139 -11.47 -40.54 12.29
CA ASP A 139 -11.77 -41.81 12.94
C ASP A 139 -13.09 -41.69 13.70
N THR A 140 -13.40 -42.72 14.50
CA THR A 140 -14.70 -42.78 15.17
C THR A 140 -14.85 -41.65 16.19
N GLU A 141 -13.85 -41.46 17.05
CA GLU A 141 -13.97 -40.44 18.08
C GLU A 141 -14.01 -39.03 17.47
N LEU A 142 -13.19 -38.78 16.44
CA LEU A 142 -13.23 -37.48 15.79
C LEU A 142 -14.57 -37.25 15.11
N SER A 143 -15.13 -38.28 14.48
CA SER A 143 -16.44 -38.14 13.83
C SER A 143 -17.52 -37.85 14.86
N ASP A 144 -17.47 -38.52 16.02
CA ASP A 144 -18.45 -38.25 17.06
C ASP A 144 -18.31 -36.83 17.59
N ASP A 145 -17.07 -36.37 17.80
CA ASP A 145 -16.84 -35.01 18.29
C ASP A 145 -17.36 -33.98 17.29
N LEU A 146 -17.11 -34.20 16.00
CA LEU A 146 -17.58 -33.24 15.00
C LEU A 146 -19.10 -33.29 14.86
N HIS A 147 -19.70 -34.47 15.01
CA HIS A 147 -21.15 -34.55 15.02
C HIS A 147 -21.73 -33.76 16.20
N LYS A 148 -21.09 -33.87 17.36
CA LYS A 148 -21.54 -33.10 18.53
C LYS A 148 -21.38 -31.61 18.28
N LEU A 149 -20.28 -31.21 17.63
CA LEU A 149 -20.09 -29.80 17.31
C LEU A 149 -21.18 -29.29 16.38
N ILE A 150 -21.54 -30.08 15.37
CA ILE A 150 -22.61 -29.69 14.45
C ILE A 150 -23.94 -29.61 15.18
N SER A 151 -24.19 -30.56 16.10
CA SER A 151 -25.44 -30.54 16.86
C SER A 151 -25.52 -29.32 17.76
N ILE A 152 -24.38 -28.88 18.31
CA ILE A 152 -24.35 -27.64 19.06
C ILE A 152 -24.58 -26.46 18.13
N SER A 153 -24.05 -26.54 16.90
CA SER A 153 -24.17 -25.44 15.95
C SER A 153 -25.62 -25.22 15.51
N LYS A 154 -26.37 -26.31 15.27
CA LYS A 154 -27.71 -26.16 14.73
C LYS A 154 -28.63 -25.45 15.71
N SER A 155 -28.49 -25.73 17.00
CA SER A 155 -29.21 -24.96 18.01
C SER A 155 -28.69 -23.52 18.03
N LYS A 156 -29.59 -22.60 18.40
CA LYS A 156 -29.31 -21.17 18.34
C LYS A 156 -28.92 -20.75 16.93
N ILE A 157 -29.62 -21.29 15.94
CA ILE A 157 -29.30 -21.00 14.54
C ILE A 157 -29.51 -19.53 14.23
N LEU A 158 -30.63 -18.97 14.69
CA LEU A 158 -30.91 -17.56 14.44
C LEU A 158 -29.92 -16.64 15.15
N GLU A 159 -29.23 -17.13 16.19
CA GLU A 159 -28.23 -16.34 16.87
C GLU A 159 -26.92 -16.36 16.11
N ALA A 160 -26.13 -15.31 16.29
CA ALA A 160 -24.84 -15.22 15.62
C ALA A 160 -23.91 -16.32 16.14
N PRO A 161 -23.12 -16.94 15.27
CA PRO A 161 -22.19 -17.98 15.73
C PRO A 161 -21.14 -17.41 16.66
N LYS A 162 -20.69 -18.25 17.59
CA LYS A 162 -19.81 -17.84 18.67
C LYS A 162 -18.37 -18.27 18.41
N GLN A 163 -17.44 -17.46 18.92
CA GLN A 163 -16.03 -17.64 18.59
C GLN A 163 -15.48 -18.95 19.16
N TYR A 164 -15.91 -19.35 20.36
CA TYR A 164 -15.38 -20.57 20.94
C TYR A 164 -15.74 -21.80 20.12
N GLU A 165 -16.89 -21.75 19.43
CA GLU A 165 -17.22 -22.82 18.49
C GLU A 165 -16.19 -22.93 17.39
N LEU A 166 -15.76 -21.78 16.84
CA LEU A 166 -14.73 -21.80 15.81
C LEU A 166 -13.39 -22.26 16.37
N TYR A 167 -13.08 -21.89 17.61
CA TYR A 167 -11.86 -22.37 18.24
C TYR A 167 -11.88 -23.89 18.35
N ASN A 168 -13.01 -24.46 18.79
CA ASN A 168 -13.13 -25.91 18.86
C ASN A 168 -13.02 -26.54 17.49
N LEU A 169 -13.64 -25.93 16.48
CA LEU A 169 -13.55 -26.47 15.13
C LEU A 169 -12.12 -26.47 14.61
N SER A 170 -11.38 -25.39 14.85
CA SER A 170 -10.00 -25.32 14.41
C SER A 170 -9.11 -26.29 15.17
N ASN A 171 -9.39 -26.51 16.45
CA ASN A 171 -8.60 -27.48 17.21
C ASN A 171 -8.89 -28.91 16.78
N LEU A 172 -10.13 -29.20 16.41
CA LEU A 172 -10.50 -30.57 16.05
C LEU A 172 -10.11 -30.90 14.61
N THR A 173 -10.63 -30.14 13.64
CA THR A 173 -10.34 -30.44 12.24
C THR A 173 -8.92 -30.05 11.85
N ASN A 174 -8.36 -29.02 12.49
CA ASN A 174 -7.02 -28.52 12.17
C ASN A 174 -6.92 -28.13 10.69
N ASN A 175 -7.98 -27.51 10.17
CA ASN A 175 -7.99 -27.04 8.79
C ASN A 175 -7.92 -25.52 8.75
N PRO A 176 -6.76 -24.94 8.43
CA PRO A 176 -6.66 -23.48 8.41
C PRO A 176 -7.55 -22.80 7.39
N LYS A 177 -7.79 -23.42 6.22
CA LYS A 177 -8.63 -22.77 5.21
C LYS A 177 -10.08 -22.68 5.65
N GLN A 178 -10.62 -23.78 6.20
CA GLN A 178 -11.98 -23.74 6.73
C GLN A 178 -12.08 -22.74 7.87
N SER A 179 -11.09 -22.71 8.75
CA SER A 179 -11.09 -21.75 9.83
C SER A 179 -11.10 -20.32 9.29
N LEU A 180 -10.32 -20.05 8.25
CA LEU A 180 -10.27 -18.71 7.68
C LEU A 180 -11.61 -18.31 7.08
N TYR A 181 -12.20 -19.19 6.27
CA TYR A 181 -13.48 -18.86 5.64
C TYR A 181 -14.58 -18.66 6.68
N PHE A 182 -14.64 -19.55 7.67
CA PHE A 182 -15.70 -19.44 8.66
C PHE A 182 -15.46 -18.26 9.59
N ALA A 183 -14.20 -17.89 9.83
CA ALA A 183 -13.92 -16.66 10.57
C ALA A 183 -14.38 -15.44 9.79
N PHE A 184 -14.14 -15.44 8.47
CA PHE A 184 -14.63 -14.33 7.65
C PHE A 184 -16.15 -14.23 7.72
N LEU A 185 -16.83 -15.38 7.62
CA LEU A 185 -18.30 -15.35 7.67
C LEU A 185 -18.79 -14.92 9.05
N GLN A 186 -18.13 -15.37 10.12
CA GLN A 186 -18.54 -14.98 11.47
C GLN A 186 -18.36 -13.48 11.67
N ASN A 187 -17.21 -12.94 11.26
CA ASN A 187 -16.98 -11.51 11.37
C ASN A 187 -17.98 -10.73 10.52
N TYR A 188 -18.31 -11.26 9.34
CA TYR A 188 -19.29 -10.62 8.47
C TYR A 188 -20.65 -10.55 9.14
N ILE A 189 -21.10 -11.66 9.74
CA ILE A 189 -22.40 -11.68 10.40
C ILE A 189 -22.40 -10.74 11.60
N LYS A 190 -21.32 -10.77 12.39
CA LYS A 190 -21.24 -9.92 13.58
C LYS A 190 -21.29 -8.45 13.19
N TRP A 191 -20.62 -8.06 12.10
CA TRP A 191 -20.68 -6.68 11.66
C TRP A 191 -21.99 -6.34 10.97
N LEU A 192 -22.65 -7.32 10.36
CA LEU A 192 -23.90 -7.08 9.66
C LEU A 192 -25.08 -6.95 10.59
N ILE A 193 -24.99 -7.49 11.81
CA ILE A 193 -26.10 -7.33 12.76
C ILE A 193 -26.39 -5.87 13.07
N PRO A 194 -25.41 -5.03 13.48
CA PRO A 194 -25.74 -3.62 13.69
C PRO A 194 -26.20 -2.91 12.42
N PHE A 195 -25.63 -3.27 11.27
CA PHE A 195 -26.08 -2.67 10.01
C PHE A 195 -27.52 -3.06 9.72
N SER A 196 -27.89 -4.31 10.01
CA SER A 196 -29.26 -4.73 9.83
C SER A 196 -30.21 -3.95 10.74
N PHE A 197 -29.81 -3.77 12.00
CA PHE A 197 -30.65 -3.01 12.93
C PHE A 197 -30.79 -1.56 12.46
N PHE A 198 -29.69 -0.95 11.99
CA PHE A 198 -29.76 0.41 11.48
C PHE A 198 -30.65 0.50 10.26
N GLY A 199 -30.57 -0.48 9.37
CA GLY A 199 -31.44 -0.48 8.20
C GLY A 199 -32.91 -0.59 8.57
N LEU A 200 -33.22 -1.47 9.53
CA LEU A 200 -34.60 -1.58 9.99
C LEU A 200 -35.07 -0.27 10.60
N SER A 201 -34.22 0.36 11.43
CA SER A 201 -34.60 1.61 12.07
C SER A 201 -34.83 2.73 11.05
N ILE A 202 -33.95 2.85 10.05
CA ILE A 202 -34.12 3.91 9.07
C ILE A 202 -35.31 3.63 8.17
N ARG A 203 -35.62 2.36 7.90
CA ARG A 203 -36.79 2.04 7.09
C ARG A 203 -38.08 2.35 7.84
N PHE A 204 -38.15 2.02 9.13
CA PHE A 204 -39.40 2.13 9.86
C PHE A 204 -39.58 3.46 10.56
N LEU A 205 -38.57 3.93 11.30
CA LEU A 205 -38.71 5.20 12.02
C LEU A 205 -38.68 6.38 11.05
N SER A 206 -37.92 6.27 9.95
CA SER A 206 -37.78 7.36 9.01
C SER A 206 -38.34 6.96 7.64
N ASN A 207 -39.54 6.35 7.64
CA ASN A 207 -40.12 5.80 6.42
C ASN A 207 -40.47 6.86 5.38
N PHE A 208 -40.47 8.14 5.74
CA PHE A 208 -40.85 9.18 4.79
C PHE A 208 -39.88 9.24 3.62
N THR A 209 -38.58 9.15 3.89
CA THR A 209 -37.53 9.25 2.89
C THR A 209 -36.60 8.04 2.97
N TYR A 210 -37.18 6.84 3.00
CA TYR A 210 -36.40 5.63 3.17
C TYR A 210 -35.50 5.34 1.99
N GLU A 211 -35.76 5.94 0.82
CA GLU A 211 -34.91 5.77 -0.35
C GLU A 211 -33.86 6.88 -0.39
N PHE A 212 -32.60 6.48 -0.43
CA PHE A 212 -31.48 7.41 -0.58
C PHE A 212 -31.47 8.47 0.52
N ASN A 213 -31.30 8.00 1.75
CA ASN A 213 -31.23 8.85 2.92
C ASN A 213 -29.78 9.13 3.28
N SER A 214 -29.49 10.41 3.56
CA SER A 214 -28.10 10.82 3.76
C SER A 214 -27.46 10.13 4.97
N THR A 215 -28.20 10.03 6.07
CA THR A 215 -27.64 9.41 7.27
C THR A 215 -27.33 7.93 7.02
N TYR A 216 -28.22 7.22 6.33
CA TYR A 216 -27.98 5.82 6.04
C TYR A 216 -26.77 5.65 5.13
N SER A 217 -26.60 6.56 4.17
CA SER A 217 -25.45 6.45 3.27
C SER A 217 -24.15 6.73 4.00
N LEU A 218 -24.14 7.72 4.90
CA LEU A 218 -22.96 7.96 5.71
C LEU A 218 -22.63 6.75 6.58
N PHE A 219 -23.66 6.15 7.18
CA PHE A 219 -23.44 4.93 7.96
C PHE A 219 -22.91 3.81 7.09
N ALA A 220 -23.41 3.68 5.87
CA ALA A 220 -22.94 2.63 4.97
C ALA A 220 -21.47 2.81 4.65
N ILE A 221 -21.07 4.04 4.31
CA ILE A 221 -19.66 4.29 3.99
C ILE A 221 -18.78 4.00 5.19
N LEU A 222 -19.16 4.52 6.37
CA LEU A 222 -18.34 4.31 7.56
C LEU A 222 -18.26 2.84 7.93
N TRP A 223 -19.40 2.13 7.88
CA TRP A 223 -19.41 0.72 8.22
C TRP A 223 -18.58 -0.09 7.25
N THR A 224 -18.66 0.22 5.96
CA THR A 224 -17.86 -0.49 4.96
C THR A 224 -16.38 -0.32 5.24
N LEU A 225 -15.93 0.92 5.40
CA LEU A 225 -14.50 1.16 5.63
C LEU A 225 -14.04 0.51 6.92
N SER A 226 -14.82 0.65 8.00
CA SER A 226 -14.43 0.09 9.29
C SER A 226 -14.40 -1.42 9.23
N PHE A 227 -15.38 -2.05 8.59
CA PHE A 227 -15.41 -3.51 8.48
C PHE A 227 -14.21 -4.02 7.70
N THR A 228 -13.90 -3.38 6.57
CA THR A 228 -12.76 -3.82 5.77
C THR A 228 -11.46 -3.67 6.55
N ALA A 229 -11.26 -2.52 7.19
CA ALA A 229 -10.02 -2.32 7.94
C ALA A 229 -9.91 -3.29 9.10
N PHE A 230 -10.99 -3.49 9.84
CA PHE A 230 -10.95 -4.38 11.00
C PHE A 230 -10.67 -5.82 10.57
N TRP A 231 -11.34 -6.29 9.53
CA TRP A 231 -11.10 -7.65 9.07
C TRP A 231 -9.67 -7.81 8.56
N LEU A 232 -9.17 -6.81 7.83
CA LEU A 232 -7.85 -6.95 7.22
C LEU A 232 -6.74 -6.91 8.27
N TYR A 233 -6.83 -6.02 9.26
CA TYR A 233 -5.70 -5.75 10.14
C TYR A 233 -5.97 -6.06 11.61
N LYS A 234 -7.05 -6.76 11.93
CA LYS A 234 -7.25 -7.15 13.32
C LYS A 234 -7.59 -8.63 13.47
N TYR A 235 -8.35 -9.20 12.54
CA TYR A 235 -8.78 -10.59 12.61
C TYR A 235 -8.02 -11.49 11.64
N GLU A 236 -7.89 -11.05 10.39
CA GLU A 236 -7.15 -11.85 9.41
C GLU A 236 -5.70 -12.12 9.83
N PRO A 237 -4.93 -11.18 10.37
CA PRO A 237 -3.58 -11.56 10.82
C PRO A 237 -3.58 -12.72 11.80
N PHE A 238 -4.48 -12.69 12.80
CA PHE A 238 -4.55 -13.79 13.76
C PHE A 238 -4.94 -15.09 13.08
N TRP A 239 -6.00 -15.06 12.28
CA TRP A 239 -6.52 -16.31 11.72
C TRP A 239 -5.58 -16.90 10.68
N SER A 240 -4.92 -16.05 9.90
CA SER A 240 -3.93 -16.49 8.92
C SER A 240 -2.60 -16.83 9.55
N ASP A 241 -2.35 -16.42 10.80
CA ASP A 241 -1.20 -16.94 11.52
C ASP A 241 -1.28 -18.45 11.65
N ARG A 242 -2.50 -19.00 11.71
CA ARG A 242 -2.66 -20.45 11.79
C ARG A 242 -2.46 -21.12 10.44
N LEU A 243 -2.47 -20.35 9.36
CA LEU A 243 -2.25 -20.94 8.03
C LEU A 243 -0.87 -21.57 7.94
N SER A 244 0.15 -20.90 8.49
CA SER A 244 1.49 -21.45 8.56
C SER A 244 1.85 -21.98 9.94
N LYS A 245 1.16 -21.51 10.99
CA LYS A 245 1.44 -21.97 12.34
C LYS A 245 1.16 -23.46 12.48
N TYR A 246 -0.04 -23.88 12.09
CA TYR A 246 -0.33 -25.32 12.11
C TYR A 246 0.29 -25.99 10.89
N SER A 247 -0.25 -25.68 9.70
CA SER A 247 0.27 -26.13 8.40
C SER A 247 0.80 -27.55 8.46
N SER A 248 0.09 -28.44 9.17
CA SER A 248 0.61 -29.77 9.47
C SER A 248 0.99 -30.48 8.18
N PHE A 249 -0.01 -30.78 7.34
CA PHE A 249 0.27 -31.24 5.99
C PHE A 249 -0.97 -31.07 5.15
N SER A 250 -0.93 -30.14 4.20
CA SER A 250 -1.88 -30.18 3.10
C SER A 250 -1.55 -31.38 2.22
N THR A 251 -2.50 -32.30 2.10
CA THR A 251 -2.25 -33.57 1.42
C THR A 251 -1.91 -33.40 -0.05
N ILE A 252 -2.03 -32.19 -0.60
CA ILE A 252 -1.55 -31.94 -1.95
C ILE A 252 -0.05 -32.12 -2.03
N GLU A 253 0.68 -31.62 -1.03
CA GLU A 253 2.13 -31.75 -0.97
C GLU A 253 2.55 -33.22 -0.84
N SER A 266 10.80 -15.46 -10.27
CA SER A 266 9.45 -15.10 -9.85
C SER A 266 8.98 -13.83 -10.55
N SER A 267 9.94 -12.96 -10.88
CA SER A 267 9.60 -11.73 -11.58
C SER A 267 9.05 -12.00 -12.97
N VAL A 268 9.52 -13.06 -13.62
CA VAL A 268 9.02 -13.41 -14.94
C VAL A 268 7.54 -13.79 -14.87
N ILE A 269 7.14 -14.45 -13.79
CA ILE A 269 5.73 -14.81 -13.61
C ILE A 269 4.87 -13.55 -13.50
N MET A 270 5.32 -12.58 -12.70
CA MET A 270 4.57 -11.34 -12.56
C MET A 270 4.52 -10.57 -13.87
N LEU A 271 5.62 -10.56 -14.62
CA LEU A 271 5.63 -9.89 -15.92
C LEU A 271 4.66 -10.55 -16.88
N LYS A 272 4.64 -11.89 -16.91
CA LYS A 272 3.73 -12.60 -17.79
C LYS A 272 2.28 -12.38 -17.39
N LYS A 273 2.01 -12.28 -16.09
CA LYS A 273 0.65 -12.03 -15.62
C LYS A 273 0.15 -10.66 -16.09
N CYS A 274 1.05 -9.67 -16.12
CA CYS A 274 0.65 -8.32 -16.53
C CYS A 274 0.24 -8.28 -17.99
N CYS A 275 0.77 -9.19 -18.82
CA CYS A 275 0.41 -9.22 -20.24
C CYS A 275 -1.04 -9.64 -20.45
N PHE A 276 -1.71 -10.19 -19.44
CA PHE A 276 -3.10 -10.58 -19.58
C PHE A 276 -4.07 -9.42 -19.37
N ILE A 277 -3.59 -8.28 -18.86
CA ILE A 277 -4.48 -7.14 -18.65
C ILE A 277 -5.18 -6.70 -19.92
N PRO A 278 -4.50 -6.54 -21.07
CA PRO A 278 -5.24 -6.20 -22.30
C PRO A 278 -6.27 -7.23 -22.71
N VAL A 279 -6.01 -8.52 -22.48
CA VAL A 279 -6.98 -9.55 -22.82
C VAL A 279 -8.24 -9.40 -21.98
N ALA A 280 -8.05 -9.22 -20.67
CA ALA A 280 -9.19 -9.02 -19.78
C ALA A 280 -9.95 -7.75 -20.13
N LEU A 281 -9.23 -6.69 -20.49
CA LEU A 281 -9.88 -5.45 -20.90
C LEU A 281 -10.71 -5.65 -22.17
N LEU A 282 -10.16 -6.37 -23.15
CA LEU A 282 -10.89 -6.62 -24.39
C LEU A 282 -12.15 -7.44 -24.13
N PHE A 283 -12.03 -8.49 -23.31
CA PHE A 283 -13.20 -9.33 -23.04
C PHE A 283 -14.23 -8.58 -22.22
N GLY A 284 -13.78 -7.73 -21.28
CA GLY A 284 -14.72 -6.90 -20.56
C GLY A 284 -15.43 -5.91 -21.47
N ALA A 285 -14.72 -5.36 -22.44
CA ALA A 285 -15.35 -4.48 -23.41
C ALA A 285 -16.40 -5.22 -24.22
N ILE A 286 -16.09 -6.44 -24.65
CA ILE A 286 -17.05 -7.24 -25.41
C ILE A 286 -18.30 -7.50 -24.57
N LEU A 287 -18.10 -7.91 -23.31
CA LEU A 287 -19.24 -8.20 -22.45
C LEU A 287 -20.07 -6.96 -22.18
N LEU A 288 -19.40 -5.82 -21.94
CA LEU A 288 -20.10 -4.58 -21.67
C LEU A 288 -20.91 -4.12 -22.88
N SER A 289 -20.32 -4.23 -24.07
CA SER A 289 -21.06 -3.83 -25.27
C SER A 289 -22.26 -4.74 -25.49
N PHE A 290 -22.10 -6.04 -25.29
CA PHE A 290 -23.24 -6.94 -25.46
C PHE A 290 -24.34 -6.64 -24.45
N GLN A 291 -23.96 -6.39 -23.19
CA GLN A 291 -24.97 -6.10 -22.17
C GLN A 291 -25.66 -4.78 -22.44
N LEU A 292 -24.94 -3.78 -22.94
CA LEU A 292 -25.58 -2.53 -23.33
C LEU A 292 -26.55 -2.75 -24.49
N TYR A 293 -26.17 -3.58 -25.46
CA TYR A 293 -27.07 -3.86 -26.58
C TYR A 293 -28.33 -4.55 -26.10
N CYS A 294 -28.19 -5.52 -25.18
CA CYS A 294 -29.36 -6.19 -24.65
C CYS A 294 -30.23 -5.26 -23.81
N PHE A 295 -29.62 -4.35 -23.07
CA PHE A 295 -30.40 -3.35 -22.34
C PHE A 295 -31.18 -2.47 -23.30
N ALA A 296 -30.56 -2.06 -24.40
CA ALA A 296 -31.26 -1.27 -25.40
C ALA A 296 -32.40 -2.07 -26.03
N LEU A 297 -32.17 -3.35 -26.30
CA LEU A 297 -33.22 -4.20 -26.85
C LEU A 297 -34.38 -4.34 -25.88
N GLU A 298 -34.08 -4.50 -24.58
CA GLU A 298 -35.13 -4.62 -23.58
C GLU A 298 -35.94 -3.34 -23.47
N ILE A 299 -35.26 -2.19 -23.47
CA ILE A 299 -35.98 -0.93 -23.36
C ILE A 299 -36.82 -0.69 -24.62
N PHE A 300 -36.32 -1.10 -25.79
CA PHE A 300 -37.11 -1.03 -27.01
C PHE A 300 -38.35 -1.90 -26.90
N ILE A 301 -38.18 -3.14 -26.45
CA ILE A 301 -39.29 -4.08 -26.38
C ILE A 301 -40.36 -3.58 -25.43
N LYS A 302 -39.95 -3.06 -24.28
CA LYS A 302 -40.92 -2.67 -23.26
C LYS A 302 -41.42 -1.24 -23.40
N GLN A 303 -40.81 -0.42 -24.27
CA GLN A 303 -41.24 0.96 -24.39
C GLN A 303 -41.69 1.34 -25.78
N ILE A 304 -40.91 1.03 -26.82
CA ILE A 304 -41.18 1.53 -28.16
C ILE A 304 -41.56 0.40 -29.11
N TYR A 305 -41.90 -0.78 -28.59
CA TYR A 305 -42.30 -1.91 -29.41
C TYR A 305 -43.78 -2.15 -29.22
N ASN A 306 -44.51 -2.28 -30.32
CA ASN A 306 -45.97 -2.40 -30.30
C ASN A 306 -46.42 -3.76 -30.84
N GLY A 307 -45.66 -4.81 -30.54
CA GLY A 307 -46.02 -6.15 -30.94
C GLY A 307 -47.10 -6.75 -30.07
N PRO A 308 -47.77 -7.79 -30.57
CA PRO A 308 -48.83 -8.44 -29.79
C PRO A 308 -48.32 -9.14 -28.54
N MET A 309 -47.30 -9.98 -28.70
CA MET A 309 -46.79 -10.81 -27.60
C MET A 309 -45.76 -10.02 -26.79
N ILE A 310 -46.27 -9.02 -26.06
CA ILE A 310 -45.40 -8.20 -25.23
C ILE A 310 -44.81 -9.02 -24.09
N SER A 311 -45.57 -9.98 -23.57
CA SER A 311 -45.08 -10.81 -22.48
C SER A 311 -44.02 -11.79 -22.97
N ILE A 312 -44.27 -12.43 -24.11
CA ILE A 312 -43.34 -13.44 -24.62
C ILE A 312 -42.02 -12.81 -25.01
N LEU A 313 -42.07 -11.66 -25.70
CA LEU A 313 -40.85 -10.97 -26.08
C LEU A 313 -40.12 -10.36 -24.89
N SER A 314 -40.76 -10.29 -23.72
CA SER A 314 -40.06 -9.80 -22.53
C SER A 314 -39.01 -10.77 -22.05
N PHE A 315 -39.18 -12.07 -22.32
CA PHE A 315 -38.20 -13.06 -21.92
C PHE A 315 -36.95 -13.02 -22.79
N LEU A 316 -37.07 -12.55 -24.03
CA LEU A 316 -35.94 -12.60 -24.95
C LEU A 316 -34.69 -11.88 -24.46
N PRO A 317 -34.74 -10.69 -23.87
CA PRO A 317 -33.49 -10.09 -23.35
C PRO A 317 -32.79 -10.97 -22.32
N THR A 318 -33.54 -11.49 -21.34
CA THR A 318 -32.94 -12.33 -20.31
C THR A 318 -32.39 -13.61 -20.93
N ILE A 319 -33.11 -14.20 -21.87
CA ILE A 319 -32.61 -15.40 -22.53
C ILE A 319 -31.32 -15.11 -23.26
N LEU A 320 -31.27 -13.98 -23.97
CA LEU A 320 -30.08 -13.63 -24.75
C LEU A 320 -28.87 -13.43 -23.83
N ILE A 321 -29.04 -12.69 -22.74
CA ILE A 321 -27.90 -12.47 -21.86
C ILE A 321 -27.48 -13.77 -21.19
N CYS A 322 -28.45 -14.58 -20.77
CA CYS A 322 -28.15 -15.83 -20.08
C CYS A 322 -27.64 -16.93 -20.99
N THR A 323 -27.72 -16.75 -22.32
CA THR A 323 -27.06 -17.69 -23.22
C THR A 323 -25.74 -17.14 -23.75
N PHE A 324 -25.56 -15.81 -23.76
CA PHE A 324 -24.31 -15.25 -24.24
C PHE A 324 -23.24 -15.24 -23.16
N THR A 325 -23.61 -14.99 -21.90
CA THR A 325 -22.61 -15.02 -20.84
C THR A 325 -21.96 -16.39 -20.68
N PRO A 326 -22.68 -17.52 -20.70
CA PRO A 326 -21.97 -18.81 -20.56
C PRO A 326 -21.07 -19.14 -21.74
N VAL A 327 -21.50 -18.86 -22.98
CA VAL A 327 -20.63 -19.14 -24.11
C VAL A 327 -19.43 -18.19 -24.09
N LEU A 328 -19.63 -16.95 -23.67
CA LEU A 328 -18.52 -16.01 -23.59
C LEU A 328 -17.50 -16.47 -22.55
N THR A 329 -17.95 -16.90 -21.37
CA THR A 329 -17.00 -17.34 -20.36
C THR A 329 -16.35 -18.66 -20.76
N VAL A 330 -17.07 -19.51 -21.49
CA VAL A 330 -16.49 -20.80 -21.88
C VAL A 330 -15.40 -20.59 -22.94
N ILE A 331 -15.64 -19.69 -23.90
CA ILE A 331 -14.59 -19.41 -24.88
C ILE A 331 -13.43 -18.67 -24.21
N TYR A 332 -13.74 -17.76 -23.29
CA TYR A 332 -12.71 -17.08 -22.52
C TYR A 332 -11.79 -18.07 -21.84
N ASN A 333 -12.36 -19.01 -21.08
CA ASN A 333 -11.55 -19.97 -20.36
C ASN A 333 -10.81 -20.91 -21.30
N LYS A 334 -11.48 -21.42 -22.33
CA LYS A 334 -10.89 -22.47 -23.15
C LYS A 334 -9.79 -21.92 -24.06
N TYR A 335 -9.91 -20.67 -24.50
CA TYR A 335 -8.94 -20.11 -25.43
C TYR A 335 -7.92 -19.17 -24.81
N PHE A 336 -8.24 -18.51 -23.70
CA PHE A 336 -7.38 -17.46 -23.19
C PHE A 336 -6.83 -17.74 -21.80
N VAL A 337 -7.68 -18.01 -20.82
CA VAL A 337 -7.21 -18.08 -19.44
C VAL A 337 -6.29 -19.29 -19.25
N GLU A 338 -6.67 -20.44 -19.81
CA GLU A 338 -5.85 -21.64 -19.65
C GLU A 338 -4.52 -21.54 -20.39
N PRO A 339 -4.47 -21.14 -21.67
CA PRO A 339 -3.15 -21.04 -22.33
C PRO A 339 -2.22 -20.03 -21.68
N MET A 340 -2.73 -18.87 -21.29
CA MET A 340 -1.87 -17.86 -20.67
C MET A 340 -1.41 -18.32 -19.28
N THR A 341 -2.30 -18.94 -18.51
CA THR A 341 -1.91 -19.45 -17.20
C THR A 341 -0.85 -20.54 -17.33
N LYS A 342 -1.00 -21.42 -18.33
CA LYS A 342 0.03 -22.42 -18.59
C LYS A 342 1.34 -21.75 -19.02
N TRP A 343 1.24 -20.68 -19.80
CA TRP A 343 2.44 -19.96 -20.24
C TRP A 343 3.20 -19.38 -19.07
N GLU A 344 2.47 -18.85 -18.08
CA GLU A 344 3.14 -18.33 -16.89
C GLU A 344 3.87 -19.43 -16.11
N ASN A 345 3.36 -20.65 -16.16
CA ASN A 345 4.03 -21.83 -15.58
C ASN A 345 4.32 -21.61 -14.09
N HIS A 346 3.25 -21.50 -13.32
CA HIS A 346 3.38 -21.29 -11.88
C HIS A 346 3.95 -22.55 -11.21
N SER A 347 4.75 -22.34 -10.18
CA SER A 347 5.40 -23.46 -9.50
C SER A 347 4.37 -24.34 -8.80
N SER A 348 3.49 -23.74 -8.01
CA SER A 348 2.49 -24.48 -7.27
C SER A 348 1.14 -24.43 -7.99
N VAL A 349 0.40 -25.54 -7.90
CA VAL A 349 -0.93 -25.59 -8.51
C VAL A 349 -1.88 -24.65 -7.79
N VAL A 350 -1.62 -24.36 -6.52
CA VAL A 350 -2.44 -23.40 -5.77
C VAL A 350 -2.33 -22.02 -6.42
N ASN A 351 -1.11 -21.61 -6.78
CA ASN A 351 -0.93 -20.34 -7.45
C ASN A 351 -1.63 -20.32 -8.80
N ALA A 352 -1.58 -21.44 -9.54
CA ALA A 352 -2.27 -21.50 -10.82
C ALA A 352 -3.77 -21.35 -10.65
N LYS A 353 -4.35 -22.03 -9.65
CA LYS A 353 -5.79 -21.91 -9.40
C LYS A 353 -6.16 -20.49 -8.99
N LYS A 354 -5.34 -19.87 -8.14
CA LYS A 354 -5.61 -18.49 -7.74
C LYS A 354 -5.54 -17.54 -8.93
N SER A 355 -4.56 -17.74 -9.81
CA SER A 355 -4.44 -16.90 -10.99
C SER A 355 -5.62 -17.09 -11.94
N LYS A 356 -6.07 -18.33 -12.11
CA LYS A 356 -7.25 -18.58 -12.94
C LYS A 356 -8.48 -17.92 -12.35
N GLU A 357 -8.63 -17.99 -11.02
CA GLU A 357 -9.77 -17.36 -10.37
C GLU A 357 -9.73 -15.84 -10.50
N ALA A 358 -8.54 -15.26 -10.40
CA ALA A 358 -8.43 -13.80 -10.46
C ALA A 358 -8.86 -13.26 -11.82
N LYS A 359 -8.43 -13.92 -12.91
CA LYS A 359 -8.78 -13.45 -14.24
C LYS A 359 -10.25 -13.68 -14.56
N ASN A 360 -10.84 -14.74 -14.01
CA ASN A 360 -12.24 -15.03 -14.26
C ASN A 360 -13.18 -14.17 -13.42
N PHE A 361 -12.65 -13.39 -12.48
CA PHE A 361 -13.49 -12.53 -11.66
C PHE A 361 -13.94 -11.28 -12.40
N VAL A 362 -13.24 -10.88 -13.46
CA VAL A 362 -13.67 -9.72 -14.24
C VAL A 362 -15.01 -10.01 -14.90
N ILE A 363 -15.15 -11.19 -15.49
CA ILE A 363 -16.41 -11.57 -16.14
C ILE A 363 -17.54 -11.62 -15.12
N ILE A 364 -17.27 -12.22 -13.95
CA ILE A 364 -18.29 -12.30 -12.91
C ILE A 364 -18.69 -10.91 -12.43
N PHE A 365 -17.71 -10.03 -12.23
CA PHE A 365 -18.00 -8.67 -11.79
C PHE A 365 -18.88 -7.94 -12.80
N LEU A 366 -18.52 -8.02 -14.09
CA LEU A 366 -19.26 -7.29 -15.11
C LEU A 366 -20.61 -7.92 -15.39
N SER A 367 -20.76 -9.23 -15.12
CA SER A 367 -22.06 -9.86 -15.27
C SER A 367 -22.98 -9.58 -14.09
N SER A 368 -22.41 -9.33 -12.91
CA SER A 368 -23.22 -9.15 -11.72
C SER A 368 -23.61 -7.69 -11.47
N TYR A 369 -22.68 -6.76 -11.66
CA TYR A 369 -22.93 -5.38 -11.23
C TYR A 369 -23.30 -4.43 -12.36
N VAL A 370 -22.91 -4.73 -13.61
CA VAL A 370 -23.14 -3.78 -14.70
C VAL A 370 -24.62 -3.49 -14.92
N PRO A 371 -25.52 -4.47 -14.97
CA PRO A 371 -26.93 -4.13 -15.25
C PRO A 371 -27.53 -3.11 -14.28
N LEU A 372 -27.22 -3.24 -13.00
CA LEU A 372 -27.73 -2.26 -12.03
C LEU A 372 -27.06 -0.91 -12.23
N LEU A 373 -25.76 -0.91 -12.54
CA LEU A 373 -25.07 0.35 -12.81
C LEU A 373 -25.63 1.01 -14.07
N ILE A 374 -25.96 0.21 -15.09
CA ILE A 374 -26.58 0.76 -16.30
C ILE A 374 -27.94 1.33 -15.98
N THR A 375 -28.73 0.63 -15.15
CA THR A 375 -30.06 1.12 -14.81
C THR A 375 -30.00 2.40 -13.98
N LEU A 376 -28.99 2.55 -13.13
CA LEU A 376 -28.91 3.70 -12.23
C LEU A 376 -28.16 4.87 -12.83
N PHE A 377 -26.89 4.70 -13.17
CA PHE A 377 -26.07 5.77 -13.73
C PHE A 377 -26.56 6.23 -15.08
N LEU A 378 -27.01 5.30 -15.93
CA LEU A 378 -27.68 5.59 -17.19
C LEU A 378 -29.15 5.24 -17.04
N TYR A 379 -29.88 5.32 -18.16
CA TYR A 379 -31.30 5.03 -18.24
C TYR A 379 -32.13 6.05 -17.46
N LEU A 380 -32.10 5.97 -16.13
CA LEU A 380 -32.85 6.92 -15.32
C LEU A 380 -32.44 8.37 -15.56
N PRO A 381 -31.15 8.74 -15.57
CA PRO A 381 -30.82 10.14 -15.82
C PRO A 381 -31.05 10.58 -17.26
N MET A 382 -30.61 9.79 -18.24
CA MET A 382 -30.59 10.21 -19.63
C MET A 382 -31.77 9.67 -20.43
N GLY A 383 -32.79 9.15 -19.77
CA GLY A 383 -33.92 8.61 -20.49
C GLY A 383 -34.66 9.67 -21.28
N HIS A 384 -34.74 10.88 -20.75
CA HIS A 384 -35.42 11.96 -21.46
C HIS A 384 -34.68 12.36 -22.72
N LEU A 385 -33.34 12.26 -22.72
CA LEU A 385 -32.58 12.62 -23.91
C LEU A 385 -32.91 11.69 -25.08
N LEU A 386 -33.06 10.39 -24.80
CA LEU A 386 -33.31 9.40 -25.83
C LEU A 386 -34.79 9.22 -26.13
N THR A 387 -35.63 10.20 -25.76
CA THR A 387 -37.06 10.10 -26.06
C THR A 387 -37.30 10.07 -27.56
N ALA A 388 -36.64 10.95 -28.31
CA ALA A 388 -36.73 10.94 -29.76
C ALA A 388 -35.69 9.99 -30.35
N GLU A 389 -35.87 9.68 -31.63
CA GLU A 389 -34.94 8.80 -32.34
C GLU A 389 -33.57 9.45 -32.45
N ILE A 412 -41.80 7.61 -21.21
CA ILE A 412 -41.64 7.91 -19.79
C ILE A 412 -40.89 6.79 -19.10
N ILE A 413 -39.81 7.15 -18.41
CA ILE A 413 -38.95 6.17 -17.77
C ILE A 413 -39.68 5.49 -16.63
N ASP A 414 -39.29 4.24 -16.34
CA ASP A 414 -39.87 3.49 -15.23
C ASP A 414 -39.28 4.00 -13.92
N THR A 415 -40.13 4.56 -13.07
CA THR A 415 -39.66 5.12 -11.81
C THR A 415 -39.26 4.06 -10.80
N LYS A 416 -39.70 2.82 -10.98
CA LYS A 416 -39.42 1.74 -10.05
C LYS A 416 -38.62 0.60 -10.68
N ARG A 417 -38.02 0.83 -11.84
CA ARG A 417 -37.26 -0.23 -12.51
C ARG A 417 -36.10 -0.68 -11.64
N TYR A 418 -35.34 0.27 -11.10
CA TYR A 418 -34.21 -0.08 -10.24
C TYR A 418 -34.68 -0.73 -8.94
N GLU A 419 -35.88 -0.38 -8.46
CA GLU A 419 -36.41 -1.00 -7.25
C GLU A 419 -36.61 -2.50 -7.44
N ASP A 420 -37.33 -2.89 -8.50
CA ASP A 420 -37.57 -4.31 -8.74
C ASP A 420 -36.29 -5.02 -9.15
N GLN A 421 -35.40 -4.33 -9.89
CA GLN A 421 -34.13 -4.94 -10.24
C GLN A 421 -33.30 -5.26 -8.99
N PHE A 422 -33.26 -4.33 -8.04
CA PHE A 422 -32.52 -4.57 -6.80
C PHE A 422 -33.19 -5.65 -5.96
N PHE A 423 -34.53 -5.67 -5.94
CA PHE A 423 -35.24 -6.73 -5.24
C PHE A 423 -34.84 -8.09 -5.79
N TYR A 424 -34.84 -8.22 -7.12
CA TYR A 424 -34.47 -9.48 -7.75
C TYR A 424 -33.01 -9.84 -7.49
N PHE A 425 -32.11 -8.86 -7.53
CA PHE A 425 -30.70 -9.13 -7.39
C PHE A 425 -30.24 -9.27 -5.93
N ILE A 426 -31.08 -8.92 -4.96
CA ILE A 426 -30.71 -9.01 -3.55
C ILE A 426 -31.54 -10.01 -2.76
N VAL A 427 -32.66 -10.49 -3.31
CA VAL A 427 -33.44 -11.49 -2.58
C VAL A 427 -33.56 -12.76 -3.41
N ILE A 428 -34.14 -12.65 -4.61
CA ILE A 428 -34.39 -13.83 -5.42
C ILE A 428 -33.08 -14.48 -5.86
N ASN A 429 -32.11 -13.66 -6.28
CA ASN A 429 -30.85 -14.20 -6.79
C ASN A 429 -30.10 -14.98 -5.72
N GLN A 430 -30.08 -14.47 -4.49
CA GLN A 430 -29.39 -15.17 -3.41
C GLN A 430 -30.12 -16.46 -3.05
N LEU A 431 -31.45 -16.46 -3.09
CA LEU A 431 -32.20 -17.70 -2.86
C LEU A 431 -31.87 -18.74 -3.93
N ILE A 432 -31.80 -18.32 -5.19
CA ILE A 432 -31.44 -19.25 -6.26
C ILE A 432 -30.02 -19.77 -6.06
N GLN A 433 -29.10 -18.89 -5.66
CA GLN A 433 -27.72 -19.31 -5.43
C GLN A 433 -27.65 -20.32 -4.29
N PHE A 434 -28.39 -20.09 -3.21
CA PHE A 434 -28.40 -21.03 -2.10
C PHE A 434 -28.99 -22.37 -2.49
N SER A 435 -30.09 -22.34 -3.27
CA SER A 435 -30.75 -23.58 -3.66
C SER A 435 -29.87 -24.39 -4.62
N MET A 436 -29.24 -23.72 -5.58
CA MET A 436 -28.49 -24.44 -6.60
C MET A 436 -27.15 -24.95 -6.07
N GLU A 437 -26.61 -24.32 -5.03
CA GLU A 437 -25.33 -24.74 -4.48
C GLU A 437 -25.50 -25.65 -3.28
N GLN A 469 -19.33 -58.47 1.10
CA GLN A 469 -19.39 -59.31 2.30
C GLN A 469 -19.03 -58.50 3.54
N LEU A 470 -18.55 -57.28 3.32
CA LEU A 470 -18.20 -56.39 4.41
C LEU A 470 -19.46 -55.92 5.14
N SER A 471 -19.29 -55.61 6.43
CA SER A 471 -20.42 -55.31 7.30
C SER A 471 -21.02 -53.94 6.96
N SER A 472 -22.04 -53.57 7.73
CA SER A 472 -22.72 -52.30 7.50
C SER A 472 -21.79 -51.11 7.77
N SER A 473 -21.02 -51.17 8.85
CA SER A 473 -20.10 -50.09 9.16
C SER A 473 -18.96 -50.00 8.15
N ASP A 474 -18.46 -51.16 7.71
CA ASP A 474 -17.46 -51.17 6.64
C ASP A 474 -18.02 -50.56 5.37
N MET A 475 -19.28 -50.89 5.05
CA MET A 475 -19.94 -50.28 3.90
C MET A 475 -20.07 -48.78 4.08
N LYS A 476 -20.35 -48.32 5.31
CA LYS A 476 -20.48 -46.90 5.57
C LYS A 476 -19.16 -46.18 5.31
N ILE A 477 -18.05 -46.75 5.80
CA ILE A 477 -16.76 -46.12 5.59
C ILE A 477 -16.39 -46.15 4.10
N TRP A 478 -16.65 -47.26 3.43
CA TRP A 478 -16.36 -47.36 2.00
C TRP A 478 -17.16 -46.35 1.20
N SER A 479 -18.44 -46.17 1.54
CA SER A 479 -19.26 -45.18 0.85
C SER A 479 -18.81 -43.76 1.19
N LYS A 480 -18.30 -43.54 2.41
CA LYS A 480 -17.75 -42.23 2.73
C LYS A 480 -16.55 -41.91 1.86
N VAL A 481 -15.65 -42.88 1.67
CA VAL A 481 -14.51 -42.64 0.79
C VAL A 481 -14.99 -42.46 -0.65
N LYS A 482 -16.00 -43.23 -1.06
CA LYS A 482 -16.61 -43.06 -2.38
C LYS A 482 -17.09 -41.63 -2.58
N SER A 483 -17.83 -41.11 -1.60
CA SER A 483 -18.34 -39.75 -1.69
C SER A 483 -17.21 -38.73 -1.72
N TYR A 484 -16.15 -38.99 -0.93
CA TYR A 484 -14.99 -38.11 -0.96
C TYR A 484 -14.38 -38.06 -2.35
N GLN A 485 -14.36 -39.19 -3.05
CA GLN A 485 -13.68 -39.26 -4.33
C GLN A 485 -14.54 -38.86 -5.53
N THR A 486 -15.86 -39.03 -5.43
CA THR A 486 -16.73 -38.87 -6.60
C THR A 486 -17.74 -37.75 -6.45
N ASP A 487 -18.52 -37.75 -5.38
CA ASP A 487 -19.69 -36.88 -5.29
C ASP A 487 -19.28 -35.41 -5.28
N PRO A 488 -20.07 -34.52 -5.88
CA PRO A 488 -19.71 -33.09 -5.86
C PRO A 488 -19.64 -32.49 -4.47
N TRP A 489 -20.52 -32.90 -3.56
CA TRP A 489 -20.46 -32.39 -2.20
C TRP A 489 -19.31 -33.00 -1.41
N GLY A 490 -18.78 -34.12 -1.86
CA GLY A 490 -17.63 -34.73 -1.24
C GLY A 490 -16.30 -34.17 -1.71
N ALA A 491 -16.32 -33.19 -2.59
CA ALA A 491 -15.09 -32.57 -3.04
C ALA A 491 -14.47 -31.74 -1.92
N THR A 492 -13.18 -31.52 -2.03
CA THR A 492 -12.46 -30.78 -1.00
C THR A 492 -12.98 -29.36 -0.91
N PHE A 493 -12.89 -28.78 0.29
CA PHE A 493 -13.42 -27.45 0.53
C PHE A 493 -12.74 -26.43 -0.36
N ASP A 494 -13.53 -25.78 -1.22
CA ASP A 494 -13.01 -24.78 -2.15
C ASP A 494 -13.17 -23.42 -1.50
N LEU A 495 -12.05 -22.86 -1.03
CA LEU A 495 -12.10 -21.56 -0.35
C LEU A 495 -12.40 -20.44 -1.33
N ASP A 496 -11.91 -20.55 -2.56
CA ASP A 496 -12.11 -19.49 -3.54
C ASP A 496 -13.58 -19.39 -3.95
N ALA A 497 -14.20 -20.51 -4.28
CA ALA A 497 -15.59 -20.49 -4.73
C ALA A 497 -16.56 -20.10 -3.62
N ASN A 498 -16.17 -20.29 -2.36
CA ASN A 498 -17.02 -19.88 -1.25
C ASN A 498 -16.76 -18.45 -0.81
N PHE A 499 -15.53 -17.94 -1.02
CA PHE A 499 -15.26 -16.53 -0.78
C PHE A 499 -15.86 -15.64 -1.86
N LYS A 500 -15.93 -16.15 -3.10
CA LYS A 500 -16.42 -15.33 -4.21
C LYS A 500 -17.89 -14.96 -4.02
N LYS A 501 -18.71 -15.93 -3.60
CA LYS A 501 -20.13 -15.65 -3.38
C LYS A 501 -20.33 -14.62 -2.28
N LEU A 502 -19.60 -14.76 -1.18
CA LEU A 502 -19.70 -13.81 -0.08
C LEU A 502 -19.26 -12.43 -0.53
N LEU A 503 -18.18 -12.35 -1.30
CA LEU A 503 -17.69 -11.06 -1.76
C LEU A 503 -18.65 -10.41 -2.75
N LEU A 504 -19.32 -11.22 -3.57
CA LEU A 504 -20.32 -10.66 -4.49
C LEU A 504 -21.52 -10.11 -3.72
N GLN A 505 -21.99 -10.85 -2.71
CA GLN A 505 -23.07 -10.34 -1.87
C GLN A 505 -22.64 -9.07 -1.16
N PHE A 506 -21.39 -9.04 -0.68
CA PHE A 506 -20.87 -7.83 -0.05
C PHE A 506 -20.82 -6.67 -1.02
N GLY A 507 -20.44 -6.92 -2.27
CA GLY A 507 -20.44 -5.86 -3.27
C GLY A 507 -21.82 -5.31 -3.52
N TYR A 508 -22.81 -6.20 -3.63
CA TYR A 508 -24.19 -5.74 -3.79
C TYR A 508 -24.61 -4.87 -2.60
N LEU A 509 -24.32 -5.34 -1.38
CA LEU A 509 -24.73 -4.62 -0.19
C LEU A 509 -24.00 -3.30 -0.02
N VAL A 510 -22.76 -3.21 -0.49
CA VAL A 510 -21.99 -1.98 -0.33
C VAL A 510 -22.29 -0.96 -1.43
N MET A 511 -22.70 -1.41 -2.61
CA MET A 511 -23.00 -0.46 -3.69
C MET A 511 -24.45 -0.03 -3.73
N PHE A 512 -25.41 -0.89 -3.39
CA PHE A 512 -26.80 -0.56 -3.68
C PHE A 512 -27.73 -0.69 -2.48
N SER A 513 -27.19 -0.80 -1.25
CA SER A 513 -28.08 -0.90 -0.10
C SER A 513 -28.80 0.41 0.18
N THR A 514 -28.25 1.53 -0.31
CA THR A 514 -28.92 2.81 -0.12
C THR A 514 -30.25 2.87 -0.85
N ILE A 515 -30.42 2.05 -1.89
CA ILE A 515 -31.69 1.98 -2.60
C ILE A 515 -32.76 1.39 -1.69
N TRP A 516 -32.45 0.28 -1.04
CA TRP A 516 -33.40 -0.44 -0.19
C TRP A 516 -32.71 -0.74 1.13
N PRO A 517 -33.07 -0.02 2.21
CA PRO A 517 -32.38 -0.23 3.50
C PRO A 517 -32.59 -1.61 4.11
N LEU A 518 -33.44 -2.45 3.51
CA LEU A 518 -33.64 -3.81 4.01
C LEU A 518 -32.60 -4.79 3.48
N ALA A 519 -31.66 -4.34 2.64
CA ALA A 519 -30.63 -5.23 2.15
C ALA A 519 -29.76 -5.83 3.25
N PRO A 520 -29.30 -5.09 4.26
CA PRO A 520 -28.52 -5.74 5.33
C PRO A 520 -29.28 -6.86 6.04
N PHE A 521 -30.59 -6.71 6.25
CA PHE A 521 -31.35 -7.74 6.97
C PHE A 521 -31.46 -9.01 6.14
N ILE A 522 -31.80 -8.88 4.87
CA ILE A 522 -31.88 -10.04 3.98
C ILE A 522 -30.52 -10.70 3.86
N CYS A 523 -29.46 -9.89 3.75
CA CYS A 523 -28.11 -10.43 3.68
C CYS A 523 -27.75 -11.20 4.95
N LEU A 524 -28.15 -10.67 6.12
CA LEU A 524 -27.86 -11.36 7.37
C LEU A 524 -28.60 -12.69 7.46
N ILE A 525 -29.88 -12.73 7.06
CA ILE A 525 -30.63 -13.97 7.10
C ILE A 525 -30.01 -15.00 6.16
N VAL A 526 -29.72 -14.58 4.93
CA VAL A 526 -29.11 -15.48 3.96
C VAL A 526 -27.76 -15.96 4.45
N ASN A 527 -27.00 -15.08 5.09
CA ASN A 527 -25.68 -15.46 5.60
C ASN A 527 -25.78 -16.47 6.73
N LEU A 528 -26.75 -16.30 7.63
CA LEU A 528 -26.93 -17.27 8.70
C LEU A 528 -27.30 -18.65 8.13
N ILE A 529 -28.23 -18.68 7.17
CA ILE A 529 -28.60 -19.95 6.57
C ILE A 529 -27.41 -20.58 5.84
N VAL A 530 -26.67 -19.77 5.09
CA VAL A 530 -25.52 -20.26 4.33
C VAL A 530 -24.44 -20.79 5.28
N TYR A 531 -24.21 -20.09 6.39
CA TYR A 531 -23.23 -20.54 7.37
C TYR A 531 -23.64 -21.88 7.97
N GLN A 532 -24.91 -22.00 8.34
CA GLN A 532 -25.36 -23.27 8.93
C GLN A 532 -25.31 -24.42 7.95
N VAL A 533 -25.50 -24.15 6.66
CA VAL A 533 -25.37 -25.19 5.64
C VAL A 533 -23.91 -25.53 5.38
N ASP A 534 -23.06 -24.52 5.26
CA ASP A 534 -21.67 -24.72 4.89
C ASP A 534 -20.87 -25.36 6.01
N LEU A 535 -21.17 -25.05 7.27
CA LEU A 535 -20.52 -25.75 8.36
C LEU A 535 -20.76 -27.24 8.27
N ARG A 536 -22.01 -27.64 8.10
CA ARG A 536 -22.34 -29.06 7.96
C ARG A 536 -21.64 -29.67 6.75
N LYS A 537 -21.69 -28.99 5.60
CA LYS A 537 -21.07 -29.53 4.41
C LYS A 537 -19.57 -29.74 4.60
N ALA A 538 -18.86 -28.68 4.97
CA ALA A 538 -17.41 -28.73 5.07
C ALA A 538 -16.92 -29.57 6.25
N VAL A 539 -17.78 -29.87 7.22
CA VAL A 539 -17.37 -30.68 8.35
C VAL A 539 -17.67 -32.15 8.10
N LEU A 540 -18.92 -32.48 7.75
CA LEU A 540 -19.32 -33.87 7.62
C LEU A 540 -18.99 -34.46 6.25
N TYR A 541 -19.19 -33.71 5.17
CA TYR A 541 -19.14 -34.30 3.83
C TYR A 541 -17.88 -33.97 3.05
N SER A 542 -17.22 -32.84 3.33
CA SER A 542 -16.03 -32.46 2.56
C SER A 542 -14.86 -33.38 2.87
N LYS A 543 -14.06 -33.66 1.86
CA LYS A 543 -12.90 -34.52 2.04
C LYS A 543 -11.82 -33.77 2.80
N PRO A 544 -11.33 -34.31 3.91
CA PRO A 544 -10.34 -33.58 4.71
C PRO A 544 -9.02 -33.42 3.97
N GLU A 545 -8.27 -32.40 4.39
CA GLU A 545 -6.98 -32.09 3.78
C GLU A 545 -5.82 -32.06 4.75
N TYR A 546 -6.05 -31.84 6.04
CA TYR A 546 -4.98 -31.62 7.00
C TYR A 546 -5.02 -32.69 8.09
N PHE A 547 -3.88 -33.33 8.32
CA PHE A 547 -3.71 -34.32 9.38
C PHE A 547 -3.55 -33.63 10.73
N PRO A 548 -3.91 -34.31 11.81
CA PRO A 548 -3.60 -33.78 13.15
C PRO A 548 -2.11 -33.78 13.43
N PHE A 549 -1.45 -34.90 13.14
CA PHE A 549 -0.02 -35.03 13.43
C PHE A 549 0.78 -34.17 12.45
N PRO A 550 1.65 -33.29 12.94
CA PRO A 550 2.47 -32.49 12.02
C PRO A 550 3.50 -33.35 11.32
N ILE A 551 3.43 -33.36 9.99
CA ILE A 551 4.29 -34.21 9.16
C ILE A 551 4.79 -33.40 7.98
N TYR A 552 6.05 -33.59 7.62
CA TYR A 552 6.66 -32.85 6.52
C TYR A 552 6.32 -33.51 5.17
N VAL A 566 -5.37 -14.28 2.68
CA VAL A 566 -6.21 -14.91 1.66
C VAL A 566 -5.66 -14.61 0.28
N GLY A 567 -5.19 -13.36 0.08
CA GLY A 567 -4.58 -12.98 -1.17
C GLY A 567 -5.47 -12.16 -2.08
N LEU A 568 -6.00 -12.81 -3.12
CA LEU A 568 -6.81 -12.10 -4.11
C LEU A 568 -8.08 -11.54 -3.48
N TRP A 569 -8.71 -12.29 -2.59
CA TRP A 569 -9.99 -11.89 -2.01
C TRP A 569 -9.86 -10.78 -0.99
N ASN A 570 -8.65 -10.40 -0.61
CA ASN A 570 -8.43 -9.21 0.20
C ASN A 570 -8.39 -7.95 -0.67
N SER A 571 -7.63 -7.99 -1.76
CA SER A 571 -7.59 -6.87 -2.68
C SER A 571 -8.95 -6.65 -3.32
N VAL A 572 -9.64 -7.74 -3.68
CA VAL A 572 -10.98 -7.62 -4.24
C VAL A 572 -11.92 -7.01 -3.21
N LEU A 573 -11.79 -7.41 -1.94
CA LEU A 573 -12.62 -6.82 -0.90
C LEU A 573 -12.36 -5.33 -0.75
N VAL A 574 -11.09 -4.92 -0.78
CA VAL A 574 -10.78 -3.50 -0.65
C VAL A 574 -11.33 -2.71 -1.83
N MET A 575 -11.18 -3.26 -3.04
CA MET A 575 -11.74 -2.60 -4.22
C MET A 575 -13.26 -2.48 -4.11
N PHE A 576 -13.91 -3.54 -3.64
CA PHE A 576 -15.36 -3.49 -3.44
C PHE A 576 -15.74 -2.43 -2.42
N SER A 577 -14.96 -2.31 -1.36
CA SER A 577 -15.23 -1.30 -0.33
C SER A 577 -15.15 0.11 -0.92
N ILE A 578 -14.05 0.41 -1.61
CA ILE A 578 -13.88 1.75 -2.17
C ILE A 578 -14.97 2.05 -3.20
N LEU A 579 -15.22 1.08 -4.09
CA LEU A 579 -16.22 1.29 -5.13
C LEU A 579 -17.61 1.44 -4.52
N GLY A 580 -17.93 0.67 -3.49
CA GLY A 580 -19.22 0.80 -2.85
C GLY A 580 -19.40 2.14 -2.17
N CYS A 581 -18.36 2.62 -1.48
CA CYS A 581 -18.44 3.96 -0.91
C CYS A 581 -18.68 5.02 -1.98
N VAL A 582 -17.92 4.94 -3.08
CA VAL A 582 -18.06 5.93 -4.15
C VAL A 582 -19.46 5.88 -4.74
N ILE A 583 -19.94 4.68 -5.06
CA ILE A 583 -21.23 4.54 -5.73
C ILE A 583 -22.37 4.96 -4.80
N THR A 584 -22.29 4.58 -3.51
CA THR A 584 -23.32 4.98 -2.57
C THR A 584 -23.38 6.49 -2.43
N ALA A 585 -22.22 7.13 -2.29
CA ALA A 585 -22.21 8.59 -2.15
C ALA A 585 -22.76 9.26 -3.40
N THR A 586 -22.35 8.78 -4.58
CA THR A 586 -22.83 9.39 -5.82
C THR A 586 -24.33 9.21 -5.99
N LEU A 587 -24.84 8.01 -5.68
CA LEU A 587 -26.27 7.77 -5.79
C LEU A 587 -27.06 8.65 -4.83
N THR A 588 -26.57 8.77 -3.59
CA THR A 588 -27.25 9.60 -2.61
C THR A 588 -27.26 11.07 -3.04
N TYR A 589 -26.14 11.54 -3.60
CA TYR A 589 -26.11 12.91 -4.12
C TYR A 589 -27.11 13.07 -5.26
N MET A 590 -27.16 12.10 -6.17
CA MET A 590 -27.99 12.25 -7.36
C MET A 590 -29.47 12.27 -7.02
N TYR A 591 -29.93 11.27 -6.26
CA TYR A 591 -31.36 11.01 -6.16
C TYR A 591 -31.99 11.47 -4.86
N GLN A 592 -31.26 12.19 -4.00
CA GLN A 592 -31.88 12.73 -2.79
C GLN A 592 -32.94 13.77 -3.14
N SER A 593 -32.68 14.60 -4.14
CA SER A 593 -33.60 15.63 -4.59
C SER A 593 -33.96 15.42 -6.06
N CYS A 594 -34.10 14.16 -6.46
CA CYS A 594 -34.41 13.85 -7.85
C CYS A 594 -35.83 14.26 -8.19
N ASN A 595 -36.02 14.69 -9.44
CA ASN A 595 -37.32 15.14 -9.90
C ASN A 595 -38.27 14.00 -10.24
N ILE A 596 -37.78 12.77 -10.30
CA ILE A 596 -38.65 11.62 -10.52
C ILE A 596 -39.50 11.41 -9.27
N PRO A 597 -40.82 11.34 -9.39
CA PRO A 597 -41.66 11.18 -8.20
C PRO A 597 -41.41 9.85 -7.51
N GLY A 598 -41.50 9.89 -6.18
CA GLY A 598 -41.34 8.69 -5.37
C GLY A 598 -39.92 8.21 -5.19
N VAL A 599 -38.92 8.99 -5.61
CA VAL A 599 -37.54 8.57 -5.48
C VAL A 599 -36.84 9.38 -4.39
N PRO A 616 -34.28 15.77 -14.46
CA PRO A 616 -34.26 14.70 -13.45
C PRO A 616 -33.39 15.05 -12.25
N ILE A 617 -32.09 14.88 -12.38
CA ILE A 617 -31.16 15.28 -11.34
C ILE A 617 -31.08 16.80 -11.33
N ASN A 618 -31.02 17.38 -10.13
CA ASN A 618 -30.84 18.82 -9.99
C ASN A 618 -29.39 19.24 -10.08
N HIS A 619 -28.53 18.36 -10.62
CA HIS A 619 -27.11 18.67 -10.80
C HIS A 619 -26.71 18.46 -12.24
N SER A 620 -25.41 18.56 -12.53
CA SER A 620 -24.88 18.42 -13.87
C SER A 620 -23.90 17.25 -13.91
N TRP A 621 -23.50 16.88 -15.13
CA TRP A 621 -22.57 15.78 -15.31
C TRP A 621 -21.17 16.10 -14.82
N ILE A 622 -20.88 17.36 -14.52
CA ILE A 622 -19.57 17.72 -14.00
C ILE A 622 -19.53 17.54 -12.48
N ASN A 623 -20.55 18.04 -11.79
CA ASN A 623 -20.57 17.97 -10.33
C ASN A 623 -20.63 16.54 -9.85
N ILE A 624 -21.35 15.68 -10.57
CA ILE A 624 -21.47 14.28 -10.16
C ILE A 624 -20.10 13.59 -10.20
N VAL A 625 -19.36 13.79 -11.30
CA VAL A 625 -18.05 13.18 -11.43
C VAL A 625 -17.08 13.77 -10.42
N LEU A 626 -17.16 15.08 -10.18
CA LEU A 626 -16.30 15.69 -9.17
C LEU A 626 -16.58 15.12 -7.79
N TYR A 627 -17.86 14.92 -7.45
CA TYR A 627 -18.21 14.33 -6.17
C TYR A 627 -17.70 12.90 -6.08
N ALA A 628 -17.81 12.13 -7.17
CA ALA A 628 -17.31 10.77 -7.15
C ALA A 628 -15.81 10.74 -6.90
N VAL A 629 -15.06 11.61 -7.56
CA VAL A 629 -13.61 11.64 -7.37
C VAL A 629 -13.26 12.07 -5.95
N PHE A 630 -13.96 13.09 -5.44
CA PHE A 630 -13.70 13.54 -4.08
C PHE A 630 -14.01 12.45 -3.07
N ILE A 631 -15.10 11.72 -3.27
CA ILE A 631 -15.45 10.65 -2.34
C ILE A 631 -14.45 9.51 -2.43
N GLU A 632 -13.95 9.21 -3.62
CA GLU A 632 -12.92 8.18 -3.74
C GLU A 632 -11.67 8.57 -2.96
N HIS A 633 -11.24 9.83 -3.11
CA HIS A 633 -10.03 10.26 -2.41
C HIS A 633 -10.25 10.29 -0.90
N VAL A 634 -11.41 10.80 -0.46
CA VAL A 634 -11.69 10.85 0.98
C VAL A 634 -11.78 9.45 1.56
N SER A 635 -12.42 8.53 0.85
CA SER A 635 -12.53 7.15 1.33
C SER A 635 -11.17 6.48 1.40
N VAL A 636 -10.31 6.71 0.40
CA VAL A 636 -8.98 6.10 0.45
C VAL A 636 -8.17 6.68 1.59
N ALA A 637 -8.32 7.98 1.87
CA ALA A 637 -7.61 8.58 3.00
C ALA A 637 -8.12 8.01 4.32
N ILE A 638 -9.43 7.87 4.46
CA ILE A 638 -10.00 7.30 5.69
C ILE A 638 -9.54 5.86 5.87
N PHE A 639 -9.53 5.10 4.78
CA PHE A 639 -9.08 3.71 4.86
C PHE A 639 -7.61 3.62 5.24
N PHE A 640 -6.78 4.52 4.69
CA PHE A 640 -5.37 4.53 5.07
C PHE A 640 -5.20 4.87 6.55
N LEU A 641 -5.95 5.84 7.05
CA LEU A 641 -5.87 6.18 8.46
C LEU A 641 -6.30 5.02 9.34
N PHE A 642 -7.41 4.37 8.98
CA PHE A 642 -7.88 3.22 9.76
C PHE A 642 -6.87 2.09 9.72
N SER A 643 -6.29 1.82 8.55
CA SER A 643 -5.31 0.74 8.43
C SER A 643 -4.09 1.03 9.27
N SER A 644 -3.60 2.27 9.26
CA SER A 644 -2.46 2.62 10.10
C SER A 644 -2.79 2.47 11.58
N ILE A 645 -3.96 2.96 11.99
CA ILE A 645 -4.35 2.91 13.39
C ILE A 645 -4.44 1.46 13.87
N LEU A 646 -5.06 0.59 13.06
CA LEU A 646 -5.22 -0.81 13.47
C LEU A 646 -3.92 -1.59 13.34
N LYS A 647 -3.04 -1.20 12.42
CA LYS A 647 -1.78 -1.91 12.25
C LYS A 647 -0.78 -1.57 13.35
N SER A 648 -0.85 -0.34 13.87
CA SER A 648 0.05 0.03 14.96
C SER A 648 -0.18 -0.83 16.20
N SER A 649 -1.36 -1.44 16.31
CA SER A 649 -1.65 -2.36 17.41
C SER A 649 -0.96 -3.71 17.16
N GLN B 61 52.79 10.59 28.89
CA GLN B 61 52.02 10.19 27.72
C GLN B 61 51.28 11.38 27.13
N THR B 62 51.20 11.41 25.80
CA THR B 62 50.55 12.48 25.07
C THR B 62 49.36 11.93 24.30
N ILE B 63 48.43 12.82 23.95
CA ILE B 63 47.23 12.40 23.23
C ILE B 63 47.59 11.82 21.87
N THR B 64 48.59 12.38 21.21
CA THR B 64 48.99 11.89 19.90
C THR B 64 49.47 10.45 19.99
N SER B 65 50.28 10.12 20.99
CA SER B 65 50.73 8.75 21.17
C SER B 65 49.57 7.84 21.55
N LEU B 66 48.57 8.38 22.26
CA LEU B 66 47.42 7.57 22.64
C LEU B 66 46.64 7.11 21.41
N ASP B 67 46.47 8.01 20.43
CA ASP B 67 45.65 7.76 19.25
C ASP B 67 44.23 7.39 19.69
N PRO B 68 43.48 8.35 20.22
CA PRO B 68 42.20 8.01 20.84
C PRO B 68 41.19 7.47 19.85
N ASN B 69 40.39 6.50 20.30
CA ASN B 69 39.30 5.95 19.54
C ASN B 69 37.95 6.55 19.90
N CYS B 70 37.89 7.33 20.97
CA CYS B 70 36.63 7.88 21.46
C CYS B 70 36.93 8.92 22.52
N VAL B 71 36.05 9.92 22.62
CA VAL B 71 36.17 10.96 23.62
C VAL B 71 34.93 10.94 24.49
N ILE B 72 35.12 10.94 25.81
CA ILE B 72 34.02 10.95 26.76
C ILE B 72 33.92 12.38 27.28
N VAL B 73 33.10 13.19 26.60
CA VAL B 73 32.93 14.58 27.03
C VAL B 73 31.88 14.62 28.13
N PHE B 74 32.25 15.17 29.28
CA PHE B 74 31.35 15.33 30.40
C PHE B 74 31.42 16.77 30.91
N ASN B 75 30.35 17.20 31.57
CA ASN B 75 30.32 18.56 32.10
C ASN B 75 31.29 18.70 33.25
N LYS B 76 32.16 19.71 33.16
CA LYS B 76 33.16 19.94 34.20
C LYS B 76 32.56 20.31 35.54
N THR B 77 31.28 20.72 35.55
CA THR B 77 30.60 20.94 36.82
C THR B 77 30.51 19.63 37.62
N SER B 78 30.19 18.52 36.93
CA SER B 78 30.21 17.23 37.59
C SER B 78 31.63 16.74 37.83
N SER B 79 32.56 17.07 36.93
CA SER B 79 33.96 16.69 37.13
C SER B 79 34.60 17.43 38.29
N ALA B 80 34.00 18.52 38.77
CA ALA B 80 34.44 19.11 40.02
C ALA B 80 34.29 18.12 41.16
N ASN B 81 33.18 17.40 41.20
CA ASN B 81 33.08 16.22 42.04
C ASN B 81 33.97 15.13 41.48
N GLU B 82 34.34 14.18 42.34
CA GLU B 82 35.32 13.16 41.99
C GLU B 82 34.73 12.03 41.17
N LYS B 83 33.56 12.22 40.54
CA LYS B 83 33.04 11.19 39.64
C LYS B 83 33.97 10.99 38.44
N SER B 84 34.54 12.08 37.93
CA SER B 84 35.54 11.96 36.87
C SER B 84 36.77 11.21 37.39
N LEU B 85 37.07 11.35 38.67
CA LEU B 85 38.12 10.54 39.26
C LEU B 85 37.72 9.08 39.34
N ASN B 86 36.44 8.80 39.66
CA ASN B 86 35.98 7.42 39.77
C ASN B 86 36.01 6.70 38.42
N VAL B 87 35.56 7.39 37.36
CA VAL B 87 35.57 6.77 36.04
C VAL B 87 36.98 6.51 35.54
N GLU B 88 37.99 7.18 36.11
CA GLU B 88 39.37 6.81 35.81
C GLU B 88 39.70 5.43 36.37
N PHE B 89 39.31 5.18 37.62
CA PHE B 89 39.50 3.84 38.18
C PHE B 89 38.68 2.80 37.40
N LYS B 90 37.46 3.15 36.99
CA LYS B 90 36.68 2.25 36.15
C LYS B 90 37.42 1.94 34.86
N ARG B 91 38.21 2.88 34.35
CA ARG B 91 38.99 2.68 33.13
C ARG B 91 40.37 2.12 33.41
N LEU B 92 40.51 1.33 34.48
CA LEU B 92 41.78 0.69 34.79
C LEU B 92 42.24 -0.28 33.71
N ASN B 93 41.34 -0.69 32.82
CA ASN B 93 41.68 -1.67 31.80
C ASN B 93 42.21 -1.06 30.50
N ILE B 94 41.81 0.17 30.19
CA ILE B 94 42.18 0.83 28.94
C ILE B 94 42.71 2.21 29.24
N HIS B 95 43.74 2.63 28.51
CA HIS B 95 44.42 3.89 28.77
C HIS B 95 43.46 5.07 28.58
N SER B 96 43.68 6.12 29.37
CA SER B 96 42.83 7.29 29.30
C SER B 96 43.60 8.51 29.79
N ILE B 97 43.27 9.67 29.22
CA ILE B 97 43.84 10.95 29.61
C ILE B 97 42.72 11.99 29.62
N ILE B 98 42.69 12.82 30.65
CA ILE B 98 41.64 13.82 30.85
C ILE B 98 42.25 15.20 30.63
N GLU B 99 41.60 16.01 29.79
CA GLU B 99 42.02 17.36 29.51
C GLU B 99 40.83 18.30 29.63
N PRO B 100 41.06 19.57 29.94
CA PRO B 100 39.94 20.52 30.04
C PRO B 100 39.22 20.68 28.71
N GLY B 101 37.91 20.94 28.80
CA GLY B 101 37.07 21.03 27.62
C GLY B 101 37.11 22.40 26.99
N HIS B 102 36.17 22.61 26.05
CA HIS B 102 36.10 23.89 25.34
C HIS B 102 35.79 25.03 26.31
N ASP B 103 34.89 24.80 27.27
CA ASP B 103 34.57 25.80 28.28
C ASP B 103 34.79 25.23 29.68
N LEU B 104 34.69 26.12 30.66
CA LEU B 104 34.95 25.74 32.05
C LEU B 104 33.93 24.77 32.61
N GLN B 105 32.80 24.56 31.92
CA GLN B 105 31.80 23.60 32.35
C GLN B 105 31.83 22.32 31.52
N THR B 106 32.95 22.04 30.84
CA THR B 106 33.14 20.79 30.12
C THR B 106 34.59 20.36 30.26
N SER B 107 34.81 19.06 30.06
CA SER B 107 36.17 18.50 30.13
C SER B 107 36.20 17.24 29.29
N TYR B 108 37.11 17.18 28.32
CA TYR B 108 37.24 16.04 27.44
C TYR B 108 37.91 14.87 28.14
N ALA B 109 37.67 13.66 27.62
CA ALA B 109 38.28 12.44 28.12
C ALA B 109 38.75 11.62 26.91
N PHE B 110 39.98 11.85 26.49
CA PHE B 110 40.54 11.11 25.36
C PHE B 110 40.87 9.69 25.80
N ILE B 111 40.10 8.72 25.32
CA ILE B 111 40.26 7.32 25.69
C ILE B 111 40.35 6.46 24.44
N ARG B 112 40.98 5.31 24.59
CA ARG B 112 41.12 4.33 23.51
C ARG B 112 40.47 3.03 23.97
N ILE B 113 39.56 2.49 23.17
CA ILE B 113 38.85 1.27 23.50
C ILE B 113 39.07 0.26 22.38
N HIS B 114 38.93 -1.02 22.73
CA HIS B 114 38.98 -2.12 21.79
C HIS B 114 37.66 -2.87 21.82
N GLN B 115 37.56 -3.89 20.95
CA GLN B 115 36.33 -4.65 20.87
C GLN B 115 36.08 -5.48 22.12
N ASP B 116 37.09 -5.69 22.95
CA ASP B 116 36.90 -6.46 24.18
C ASP B 116 36.25 -5.62 25.27
N ASN B 117 36.92 -4.54 25.69
CA ASN B 117 36.41 -3.69 26.77
C ASN B 117 35.63 -2.52 26.18
N ALA B 118 34.53 -2.88 25.52
CA ALA B 118 33.62 -1.91 24.93
C ALA B 118 32.25 -1.93 25.59
N LYS B 119 31.62 -3.09 25.67
CA LYS B 119 30.31 -3.19 26.31
C LYS B 119 30.31 -2.78 27.79
N PRO B 120 31.28 -3.22 28.63
CA PRO B 120 31.24 -2.77 30.03
C PRO B 120 31.32 -1.26 30.18
N LEU B 121 32.13 -0.58 29.36
CA LEU B 121 32.25 0.87 29.48
C LEU B 121 30.92 1.55 29.18
N PHE B 122 30.23 1.11 28.13
CA PHE B 122 28.97 1.74 27.77
C PHE B 122 27.86 1.36 28.75
N SER B 123 27.92 0.14 29.30
CA SER B 123 26.95 -0.24 30.31
C SER B 123 27.11 0.62 31.57
N PHE B 124 28.34 0.92 31.95
CA PHE B 124 28.55 1.89 33.02
C PHE B 124 28.04 3.27 32.60
N LEU B 125 28.39 3.71 31.39
CA LEU B 125 28.08 5.07 30.96
C LEU B 125 26.57 5.31 30.94
N GLN B 126 25.78 4.27 30.64
CA GLN B 126 24.33 4.44 30.63
C GLN B 126 23.82 4.83 32.01
N ASN B 127 24.32 4.19 33.06
CA ASN B 127 23.91 4.51 34.42
C ASN B 127 24.64 5.72 34.98
N LEU B 128 25.74 6.13 34.35
CA LEU B 128 26.52 7.25 34.87
C LEU B 128 25.72 8.55 34.81
N ASP B 129 25.00 8.76 33.71
CA ASP B 129 24.04 9.86 33.52
C ASP B 129 24.64 11.25 33.83
N PHE B 130 25.96 11.38 33.78
CA PHE B 130 26.62 12.67 33.93
C PHE B 130 27.54 13.00 32.76
N ILE B 131 27.30 12.38 31.61
CA ILE B 131 28.12 12.60 30.42
C ILE B 131 27.34 13.45 29.42
N GLU B 132 28.00 14.49 28.90
CA GLU B 132 27.34 15.37 27.95
C GLU B 132 27.04 14.65 26.63
N SER B 133 28.06 14.01 26.07
CA SER B 133 27.88 13.21 24.87
C SER B 133 29.11 12.32 24.70
N ILE B 134 29.06 11.47 23.67
CA ILE B 134 30.13 10.52 23.39
C ILE B 134 30.33 10.48 21.87
N ILE B 135 31.59 10.50 21.45
CA ILE B 135 31.95 10.64 20.03
C ILE B 135 32.93 9.53 19.68
N PRO B 136 32.64 8.69 18.69
CA PRO B 136 33.63 7.69 18.21
C PRO B 136 34.65 8.31 17.26
N TYR B 137 35.60 9.04 17.85
CA TYR B 137 36.56 9.80 17.06
C TYR B 137 37.44 8.88 16.22
N HIS B 138 37.67 9.29 14.98
CA HIS B 138 38.53 8.53 14.09
C HIS B 138 39.98 8.65 14.54
N ASP B 139 40.71 7.54 14.47
CA ASP B 139 42.13 7.57 14.82
C ASP B 139 42.96 8.04 13.62
N THR B 140 44.28 7.96 13.78
CA THR B 140 45.18 8.52 12.77
C THR B 140 45.07 7.76 11.44
N GLU B 141 45.15 6.43 11.49
CA GLU B 141 45.13 5.65 10.26
C GLU B 141 43.77 5.74 9.56
N LEU B 142 42.69 5.72 10.34
CA LEU B 142 41.36 5.89 9.75
C LEU B 142 41.19 7.27 9.15
N SER B 143 41.71 8.30 9.82
CA SER B 143 41.65 9.65 9.27
C SER B 143 42.42 9.74 7.96
N ASP B 144 43.59 9.11 7.89
CA ASP B 144 44.35 9.10 6.65
C ASP B 144 43.61 8.36 5.55
N ASP B 145 42.97 7.24 5.89
CA ASP B 145 42.21 6.50 4.90
C ASP B 145 41.03 7.32 4.37
N LEU B 146 40.33 8.03 5.26
CA LEU B 146 39.22 8.85 4.80
C LEU B 146 39.71 10.05 4.00
N HIS B 147 40.87 10.62 4.36
CA HIS B 147 41.46 11.67 3.54
C HIS B 147 41.78 11.17 2.15
N LYS B 148 42.32 9.95 2.04
CA LYS B 148 42.58 9.37 0.73
C LYS B 148 41.30 9.11 -0.04
N LEU B 149 40.24 8.68 0.65
CA LEU B 149 38.95 8.50 -0.01
C LEU B 149 38.43 9.83 -0.57
N ILE B 150 38.56 10.90 0.21
CA ILE B 150 38.12 12.20 -0.27
C ILE B 150 38.98 12.66 -1.45
N SER B 151 40.29 12.38 -1.39
CA SER B 151 41.18 12.75 -2.49
C SER B 151 40.82 12.00 -3.77
N ILE B 152 40.44 10.73 -3.63
CA ILE B 152 39.93 9.99 -4.79
C ILE B 152 38.61 10.58 -5.27
N SER B 153 37.78 11.05 -4.34
CA SER B 153 36.47 11.59 -4.71
C SER B 153 36.59 12.89 -5.50
N LYS B 154 37.52 13.77 -5.09
CA LYS B 154 37.59 15.08 -5.73
C LYS B 154 38.02 14.97 -7.19
N SER B 155 38.92 14.03 -7.49
CA SER B 155 39.24 13.75 -8.88
C SER B 155 38.03 13.12 -9.57
N LYS B 156 37.91 13.36 -10.88
CA LYS B 156 36.73 12.97 -11.65
C LYS B 156 35.46 13.56 -11.05
N ILE B 157 35.54 14.83 -10.65
CA ILE B 157 34.42 15.50 -10.01
C ILE B 157 33.23 15.60 -10.96
N LEU B 158 33.49 15.98 -12.22
CA LEU B 158 32.41 16.09 -13.20
C LEU B 158 31.79 14.75 -13.54
N GLU B 159 32.52 13.66 -13.35
CA GLU B 159 31.97 12.32 -13.60
C GLU B 159 31.04 11.92 -12.49
N ALA B 160 30.11 11.01 -12.82
CA ALA B 160 29.17 10.53 -11.83
C ALA B 160 29.90 9.71 -10.76
N PRO B 161 29.48 9.80 -9.50
CA PRO B 161 30.14 9.01 -8.45
C PRO B 161 29.97 7.51 -8.69
N LYS B 162 30.98 6.76 -8.30
CA LYS B 162 31.05 5.32 -8.58
C LYS B 162 30.64 4.52 -7.37
N GLN B 163 29.98 3.38 -7.63
CA GLN B 163 29.37 2.61 -6.55
C GLN B 163 30.41 2.07 -5.58
N TYR B 164 31.55 1.59 -6.08
CA TYR B 164 32.55 1.00 -5.20
C TYR B 164 33.13 2.01 -4.22
N GLU B 165 33.06 3.30 -4.54
CA GLU B 165 33.46 4.33 -3.59
C GLU B 165 32.57 4.30 -2.35
N LEU B 166 31.27 4.10 -2.53
CA LEU B 166 30.35 4.08 -1.40
C LEU B 166 30.60 2.87 -0.52
N TYR B 167 30.99 1.74 -1.10
CA TYR B 167 31.28 0.55 -0.30
C TYR B 167 32.46 0.79 0.62
N ASN B 168 33.51 1.45 0.11
CA ASN B 168 34.66 1.77 0.94
C ASN B 168 34.27 2.70 2.08
N LEU B 169 33.45 3.70 1.78
CA LEU B 169 33.00 4.63 2.82
C LEU B 169 32.16 3.93 3.87
N SER B 170 31.29 3.01 3.44
CA SER B 170 30.44 2.29 4.40
C SER B 170 31.24 1.31 5.23
N ASN B 171 32.30 0.73 4.69
CA ASN B 171 33.18 -0.14 5.48
C ASN B 171 34.10 0.64 6.41
N LEU B 172 34.44 1.88 6.05
CA LEU B 172 35.38 2.67 6.84
C LEU B 172 34.67 3.51 7.90
N THR B 173 33.73 4.35 7.47
CA THR B 173 33.00 5.19 8.43
C THR B 173 32.01 4.36 9.24
N ASN B 174 31.51 3.27 8.67
CA ASN B 174 30.55 2.38 9.34
C ASN B 174 29.29 3.12 9.73
N ASN B 175 28.87 4.09 8.90
CA ASN B 175 27.70 4.90 9.20
C ASN B 175 26.59 4.60 8.21
N PRO B 176 25.60 3.77 8.58
CA PRO B 176 24.48 3.52 7.67
C PRO B 176 23.67 4.77 7.34
N LYS B 177 23.54 5.71 8.27
CA LYS B 177 22.76 6.92 8.00
C LYS B 177 23.38 7.74 6.87
N GLN B 178 24.71 7.92 6.90
CA GLN B 178 25.38 8.60 5.80
C GLN B 178 25.27 7.81 4.51
N SER B 179 25.40 6.48 4.61
CA SER B 179 25.38 5.64 3.42
C SER B 179 24.04 5.73 2.71
N LEU B 180 22.94 5.79 3.46
CA LEU B 180 21.62 5.87 2.85
C LEU B 180 21.47 7.15 2.02
N TYR B 181 21.81 8.30 2.60
CA TYR B 181 21.66 9.57 1.90
C TYR B 181 22.60 9.62 0.69
N PHE B 182 23.84 9.15 0.86
CA PHE B 182 24.76 9.20 -0.26
C PHE B 182 24.38 8.23 -1.37
N ALA B 183 23.81 7.08 -1.03
CA ALA B 183 23.28 6.17 -2.04
C ALA B 183 22.10 6.79 -2.77
N PHE B 184 21.23 7.50 -2.04
CA PHE B 184 20.12 8.18 -2.69
C PHE B 184 20.63 9.23 -3.67
N LEU B 185 21.65 10.01 -3.27
CA LEU B 185 22.20 11.02 -4.15
C LEU B 185 22.87 10.39 -5.36
N GLN B 186 23.58 9.27 -5.16
CA GLN B 186 24.22 8.57 -6.27
C GLN B 186 23.18 8.07 -7.26
N ASN B 187 22.11 7.46 -6.76
CA ASN B 187 21.03 7.00 -7.64
C ASN B 187 20.37 8.17 -8.35
N TYR B 188 20.20 9.29 -7.65
CA TYR B 188 19.60 10.48 -8.25
C TYR B 188 20.46 10.97 -9.42
N ILE B 189 21.78 11.06 -9.21
CA ILE B 189 22.67 11.51 -10.27
C ILE B 189 22.64 10.53 -11.44
N LYS B 190 22.71 9.23 -11.14
CA LYS B 190 22.74 8.23 -12.20
C LYS B 190 21.47 8.26 -13.03
N TRP B 191 20.31 8.45 -12.40
CA TRP B 191 19.07 8.54 -13.15
C TRP B 191 18.91 9.89 -13.83
N LEU B 192 19.54 10.93 -13.29
CA LEU B 192 19.43 12.26 -13.89
C LEU B 192 20.30 12.43 -15.11
N ILE B 193 21.35 11.61 -15.27
CA ILE B 193 22.18 11.71 -16.47
C ILE B 193 21.37 11.48 -17.74
N PRO B 194 20.61 10.37 -17.89
CA PRO B 194 19.80 10.22 -19.11
C PRO B 194 18.73 11.29 -19.25
N PHE B 195 18.13 11.71 -18.15
CA PHE B 195 17.13 12.78 -18.21
C PHE B 195 17.76 14.09 -18.67
N SER B 196 18.96 14.39 -18.19
CA SER B 196 19.67 15.59 -18.64
C SER B 196 19.97 15.51 -20.14
N PHE B 197 20.43 14.36 -20.60
CA PHE B 197 20.71 14.21 -22.03
C PHE B 197 19.44 14.36 -22.86
N PHE B 198 18.34 13.77 -22.39
CA PHE B 198 17.07 13.90 -23.10
C PHE B 198 16.60 15.34 -23.13
N GLY B 199 16.75 16.06 -22.02
CA GLY B 199 16.37 17.46 -21.99
C GLY B 199 17.20 18.30 -22.94
N LEU B 200 18.51 18.07 -22.98
CA LEU B 200 19.34 18.79 -23.93
C LEU B 200 18.94 18.49 -25.38
N SER B 201 18.68 17.22 -25.68
CA SER B 201 18.30 16.84 -27.04
C SER B 201 16.97 17.46 -27.44
N ILE B 202 15.98 17.45 -26.53
CA ILE B 202 14.68 18.01 -26.88
C ILE B 202 14.75 19.53 -26.96
N ARG B 203 15.65 20.16 -26.19
CA ARG B 203 15.80 21.61 -26.27
C ARG B 203 16.48 22.03 -27.56
N PHE B 204 17.47 21.26 -28.02
CA PHE B 204 18.27 21.69 -29.17
C PHE B 204 17.80 21.10 -30.49
N LEU B 205 17.59 19.79 -30.55
CA LEU B 205 17.14 19.18 -31.81
C LEU B 205 15.70 19.56 -32.11
N SER B 206 14.87 19.74 -31.08
CA SER B 206 13.47 20.07 -31.26
C SER B 206 13.16 21.46 -30.69
N ASN B 207 14.01 22.43 -30.99
CA ASN B 207 13.91 23.77 -30.40
C ASN B 207 12.64 24.51 -30.81
N PHE B 208 11.92 24.05 -31.83
CA PHE B 208 10.73 24.77 -32.27
C PHE B 208 9.66 24.82 -31.20
N THR B 209 9.42 23.70 -30.51
CA THR B 209 8.38 23.56 -29.50
C THR B 209 8.97 23.08 -28.18
N TYR B 210 10.08 23.71 -27.78
CA TYR B 210 10.78 23.29 -26.56
C TYR B 210 9.96 23.48 -25.29
N GLU B 211 8.91 24.30 -25.34
CA GLU B 211 8.03 24.48 -24.20
C GLU B 211 6.82 23.56 -24.32
N PHE B 212 6.59 22.75 -23.30
CA PHE B 212 5.45 21.83 -23.24
C PHE B 212 5.43 20.90 -24.45
N ASN B 213 6.46 20.07 -24.56
CA ASN B 213 6.55 19.10 -25.64
C ASN B 213 6.07 17.74 -25.17
N SER B 214 5.23 17.11 -25.98
CA SER B 214 4.53 15.89 -25.56
C SER B 214 5.51 14.75 -25.25
N THR B 215 6.50 14.55 -26.12
CA THR B 215 7.43 13.44 -25.92
C THR B 215 8.25 13.64 -24.65
N TYR B 216 8.70 14.87 -24.40
CA TYR B 216 9.47 15.14 -23.19
C TYR B 216 8.63 14.88 -21.95
N SER B 217 7.33 15.19 -22.01
CA SER B 217 6.48 15.00 -20.84
C SER B 217 6.18 13.53 -20.61
N LEU B 218 5.99 12.75 -21.68
CA LEU B 218 5.85 11.32 -21.52
C LEU B 218 7.12 10.72 -20.92
N PHE B 219 8.28 11.17 -21.39
CA PHE B 219 9.54 10.72 -20.79
C PHE B 219 9.64 11.12 -19.33
N ALA B 220 9.19 12.33 -18.99
CA ALA B 220 9.25 12.78 -17.61
C ALA B 220 8.39 11.91 -16.71
N ILE B 221 7.16 11.60 -17.13
CA ILE B 221 6.29 10.77 -16.32
C ILE B 221 6.87 9.37 -16.15
N LEU B 222 7.32 8.76 -17.25
CA LEU B 222 7.88 7.42 -17.17
C LEU B 222 9.13 7.40 -16.32
N TRP B 223 10.02 8.38 -16.50
CA TRP B 223 11.25 8.43 -15.72
C TRP B 223 10.97 8.63 -14.25
N THR B 224 10.02 9.49 -13.91
CA THR B 224 9.68 9.72 -12.51
C THR B 224 9.17 8.44 -11.86
N LEU B 225 8.18 7.80 -12.47
CA LEU B 225 7.64 6.58 -11.88
C LEU B 225 8.69 5.48 -11.79
N SER B 226 9.49 5.30 -12.85
CA SER B 226 10.51 4.26 -12.84
C SER B 226 11.57 4.53 -11.78
N PHE B 227 12.03 5.78 -11.67
CA PHE B 227 13.04 6.09 -10.68
C PHE B 227 12.52 5.88 -9.26
N THR B 228 11.30 6.31 -8.98
CA THR B 228 10.75 6.13 -7.65
C THR B 228 10.62 4.64 -7.32
N ALA B 229 10.06 3.86 -8.25
CA ALA B 229 9.91 2.42 -8.00
C ALA B 229 11.26 1.74 -7.81
N PHE B 230 12.23 2.07 -8.67
CA PHE B 230 13.53 1.44 -8.59
C PHE B 230 14.24 1.77 -7.28
N TRP B 231 14.22 3.03 -6.88
CA TRP B 231 14.85 3.39 -5.61
C TRP B 231 14.15 2.73 -4.43
N LEU B 232 12.82 2.70 -4.46
CA LEU B 232 12.09 2.17 -3.32
C LEU B 232 12.27 0.67 -3.17
N TYR B 233 12.25 -0.08 -4.28
CA TYR B 233 12.18 -1.54 -4.18
C TYR B 233 13.35 -2.28 -4.81
N LYS B 234 14.42 -1.60 -5.15
CA LYS B 234 15.59 -2.32 -5.64
C LYS B 234 16.88 -1.92 -4.94
N TYR B 235 17.03 -0.65 -4.58
CA TYR B 235 18.24 -0.14 -3.95
C TYR B 235 18.05 0.12 -2.45
N GLU B 236 16.95 0.78 -2.09
CA GLU B 236 16.69 1.03 -0.68
C GLU B 236 16.62 -0.24 0.16
N PRO B 237 16.01 -1.35 -0.28
CA PRO B 237 16.10 -2.57 0.52
C PRO B 237 17.53 -2.96 0.85
N PHE B 238 18.42 -2.97 -0.15
CA PHE B 238 19.81 -3.34 0.09
C PHE B 238 20.48 -2.36 1.06
N TRP B 239 20.33 -1.06 0.83
CA TRP B 239 21.08 -0.10 1.63
C TRP B 239 20.52 0.02 3.04
N SER B 240 19.20 -0.01 3.19
CA SER B 240 18.57 0.00 4.51
C SER B 240 18.75 -1.32 5.24
N ASP B 241 19.13 -2.39 4.52
CA ASP B 241 19.54 -3.60 5.21
C ASP B 241 20.73 -3.32 6.11
N ARG B 242 21.58 -2.36 5.73
CA ARG B 242 22.72 -2.00 6.55
C ARG B 242 22.31 -1.18 7.76
N LEU B 243 21.10 -0.60 7.77
CA LEU B 243 20.66 0.20 8.90
C LEU B 243 20.56 -0.64 10.17
N SER B 244 20.04 -1.86 10.05
CA SER B 244 19.96 -2.77 11.17
C SER B 244 21.00 -3.88 11.12
N LYS B 245 21.47 -4.25 9.92
CA LYS B 245 22.47 -5.29 9.78
C LYS B 245 23.77 -4.90 10.48
N TYR B 246 24.25 -3.68 10.21
CA TYR B 246 25.45 -3.23 10.93
C TYR B 246 25.07 -2.71 12.31
N SER B 247 24.35 -1.59 12.34
CA SER B 247 23.74 -1.02 13.55
C SER B 247 24.62 -1.19 14.78
N SER B 248 25.93 -0.98 14.64
CA SER B 248 26.88 -1.31 15.70
C SER B 248 26.49 -0.60 16.98
N PHE B 249 26.56 0.73 16.98
CA PHE B 249 25.99 1.50 18.09
C PHE B 249 25.80 2.93 17.63
N SER B 250 24.55 3.38 17.56
CA SER B 250 24.28 4.80 17.52
C SER B 250 24.52 5.37 18.91
N THR B 251 25.47 6.30 19.02
CA THR B 251 25.88 6.81 20.32
C THR B 251 24.76 7.52 21.07
N ILE B 252 23.60 7.73 20.43
CA ILE B 252 22.44 8.26 21.15
C ILE B 252 21.99 7.28 22.22
N GLU B 253 21.98 5.99 21.90
CA GLU B 253 21.58 4.95 22.84
C GLU B 253 22.53 4.90 24.04
N SER B 266 1.03 1.74 21.77
CA SER B 266 1.67 2.30 20.58
C SER B 266 0.64 2.91 19.64
N SER B 267 -0.54 2.29 19.59
CA SER B 267 -1.62 2.81 18.76
C SER B 267 -2.10 4.18 19.24
N VAL B 268 -1.95 4.48 20.52
CA VAL B 268 -2.37 5.78 21.04
C VAL B 268 -1.52 6.89 20.42
N ILE B 269 -0.25 6.60 20.14
CA ILE B 269 0.61 7.57 19.47
C ILE B 269 0.08 7.89 18.08
N MET B 270 -0.30 6.87 17.32
CA MET B 270 -0.85 7.08 16.00
C MET B 270 -2.18 7.83 16.07
N LEU B 271 -3.00 7.52 17.08
CA LEU B 271 -4.25 8.24 17.25
C LEU B 271 -4.01 9.72 17.53
N LYS B 272 -3.04 10.01 18.40
CA LYS B 272 -2.71 11.40 18.70
C LYS B 272 -2.15 12.13 17.49
N LYS B 273 -1.34 11.45 16.67
CA LYS B 273 -0.76 12.09 15.50
C LYS B 273 -1.84 12.50 14.51
N CYS B 274 -2.91 11.70 14.41
CA CYS B 274 -3.99 12.02 13.48
C CYS B 274 -4.72 13.30 13.90
N CYS B 275 -4.74 13.61 15.19
CA CYS B 275 -5.39 14.83 15.65
C CYS B 275 -4.70 16.10 15.19
N PHE B 276 -3.46 16.00 14.69
CA PHE B 276 -2.76 17.16 14.18
C PHE B 276 -3.14 17.51 12.75
N ILE B 277 -3.85 16.62 12.05
CA ILE B 277 -4.24 16.90 10.67
C ILE B 277 -5.06 18.18 10.56
N PRO B 278 -6.09 18.42 11.39
CA PRO B 278 -6.81 19.70 11.29
C PRO B 278 -5.92 20.91 11.56
N VAL B 279 -4.95 20.81 12.47
CA VAL B 279 -4.06 21.93 12.75
C VAL B 279 -3.21 22.26 11.53
N ALA B 280 -2.65 21.22 10.92
CA ALA B 280 -1.86 21.43 9.71
C ALA B 280 -2.71 21.99 8.58
N LEU B 281 -3.95 21.51 8.46
CA LEU B 281 -4.86 22.04 7.44
C LEU B 281 -5.15 23.52 7.68
N LEU B 282 -5.40 23.90 8.94
CA LEU B 282 -5.69 25.29 9.25
C LEU B 282 -4.49 26.19 8.94
N PHE B 283 -3.29 25.74 9.34
CA PHE B 283 -2.11 26.56 9.08
C PHE B 283 -1.80 26.63 7.59
N GLY B 284 -2.03 25.55 6.86
CA GLY B 284 -1.89 25.59 5.42
C GLY B 284 -2.88 26.54 4.77
N ALA B 285 -4.11 26.58 5.29
CA ALA B 285 -5.08 27.53 4.80
C ALA B 285 -4.65 28.97 5.05
N ILE B 286 -4.10 29.23 6.24
CA ILE B 286 -3.60 30.58 6.55
C ILE B 286 -2.48 30.96 5.59
N LEU B 287 -1.53 30.06 5.39
CA LEU B 287 -0.41 30.34 4.50
C LEU B 287 -0.87 30.54 3.07
N LEU B 288 -1.80 29.71 2.60
CA LEU B 288 -2.31 29.82 1.24
C LEU B 288 -3.06 31.13 1.04
N SER B 289 -3.87 31.53 2.03
CA SER B 289 -4.59 32.80 1.91
C SER B 289 -3.64 33.97 1.87
N PHE B 290 -2.61 33.96 2.74
CA PHE B 290 -1.66 35.07 2.70
C PHE B 290 -0.90 35.10 1.37
N GLN B 291 -0.52 33.94 0.85
CA GLN B 291 0.23 33.91 -0.40
C GLN B 291 -0.64 34.38 -1.57
N LEU B 292 -1.92 34.01 -1.56
CA LEU B 292 -2.83 34.51 -2.59
C LEU B 292 -3.00 36.01 -2.49
N TYR B 293 -3.10 36.54 -1.27
CA TYR B 293 -3.21 38.00 -1.11
C TYR B 293 -1.94 38.69 -1.59
N CYS B 294 -0.78 38.11 -1.30
CA CYS B 294 0.48 38.69 -1.75
C CYS B 294 0.58 38.67 -3.27
N PHE B 295 0.14 37.58 -3.89
CA PHE B 295 0.11 37.52 -5.35
C PHE B 295 -0.83 38.57 -5.92
N ALA B 296 -1.98 38.77 -5.27
CA ALA B 296 -2.90 39.81 -5.72
C ALA B 296 -2.26 41.19 -5.61
N LEU B 297 -1.54 41.44 -4.51
CA LEU B 297 -0.85 42.71 -4.36
C LEU B 297 0.23 42.89 -5.43
N GLU B 298 0.96 41.82 -5.73
CA GLU B 298 2.00 41.90 -6.75
C GLU B 298 1.40 42.21 -8.12
N ILE B 299 0.33 41.52 -8.49
CA ILE B 299 -0.28 41.79 -9.79
C ILE B 299 -0.88 43.19 -9.81
N PHE B 300 -1.44 43.65 -8.68
CA PHE B 300 -1.95 45.00 -8.59
C PHE B 300 -0.84 46.02 -8.88
N ILE B 301 0.27 45.92 -8.15
CA ILE B 301 1.32 46.92 -8.27
C ILE B 301 2.00 46.83 -9.62
N LYS B 302 2.04 45.64 -10.23
CA LYS B 302 2.73 45.50 -11.51
C LYS B 302 1.85 45.77 -12.72
N GLN B 303 0.53 45.79 -12.56
CA GLN B 303 -0.34 46.01 -13.71
C GLN B 303 -1.22 47.24 -13.60
N ILE B 304 -1.97 47.41 -12.50
CA ILE B 304 -2.97 48.46 -12.46
C ILE B 304 -2.68 49.50 -11.40
N TYR B 305 -1.45 49.58 -10.90
CA TYR B 305 -1.01 50.63 -9.99
C TYR B 305 -0.09 51.57 -10.75
N ASN B 306 -0.37 52.86 -10.65
CA ASN B 306 0.30 53.88 -11.45
C ASN B 306 1.10 54.83 -10.57
N GLY B 307 1.82 54.28 -9.59
CA GLY B 307 2.68 55.08 -8.74
C GLY B 307 4.00 55.41 -9.42
N PRO B 308 4.71 56.40 -8.90
CA PRO B 308 5.99 56.79 -9.50
C PRO B 308 7.07 55.73 -9.35
N MET B 309 7.30 55.28 -8.12
CA MET B 309 8.37 54.32 -7.84
C MET B 309 7.83 52.90 -8.04
N ILE B 310 7.98 52.42 -9.28
CA ILE B 310 7.57 51.05 -9.60
C ILE B 310 8.56 50.06 -9.01
N SER B 311 9.86 50.33 -9.15
CA SER B 311 10.87 49.38 -8.71
C SER B 311 10.86 49.21 -7.19
N ILE B 312 10.70 50.32 -6.45
CA ILE B 312 10.72 50.23 -4.99
C ILE B 312 9.53 49.41 -4.49
N LEU B 313 8.35 49.65 -5.03
CA LEU B 313 7.19 48.85 -4.67
C LEU B 313 7.33 47.39 -5.10
N SER B 314 8.13 47.11 -6.12
CA SER B 314 8.29 45.74 -6.58
C SER B 314 8.93 44.84 -5.53
N PHE B 315 9.69 45.43 -4.60
CA PHE B 315 10.30 44.65 -3.52
C PHE B 315 9.33 44.36 -2.39
N LEU B 316 8.22 45.08 -2.31
CA LEU B 316 7.26 44.84 -1.23
C LEU B 316 6.64 43.45 -1.25
N PRO B 317 6.18 42.91 -2.39
CA PRO B 317 5.65 41.53 -2.36
C PRO B 317 6.65 40.51 -1.88
N THR B 318 7.92 40.64 -2.26
CA THR B 318 8.93 39.67 -1.85
C THR B 318 9.23 39.77 -0.36
N ILE B 319 9.41 40.99 0.15
CA ILE B 319 9.72 41.13 1.57
C ILE B 319 8.52 40.74 2.42
N LEU B 320 7.30 40.99 1.94
CA LEU B 320 6.12 40.62 2.72
C LEU B 320 6.05 39.12 2.94
N ILE B 321 6.23 38.33 1.87
CA ILE B 321 6.21 36.89 2.04
C ILE B 321 7.44 36.42 2.82
N CYS B 322 8.61 37.00 2.57
CA CYS B 322 9.83 36.59 3.23
C CYS B 322 9.87 36.98 4.71
N THR B 323 8.96 37.83 5.17
CA THR B 323 8.83 38.12 6.59
C THR B 323 7.61 37.45 7.23
N PHE B 324 6.57 37.16 6.45
CA PHE B 324 5.42 36.46 7.01
C PHE B 324 5.70 34.97 7.17
N THR B 325 6.37 34.36 6.18
CA THR B 325 6.64 32.93 6.27
C THR B 325 7.49 32.55 7.48
N PRO B 326 8.61 33.21 7.78
CA PRO B 326 9.34 32.84 9.01
C PRO B 326 8.54 33.08 10.27
N VAL B 327 7.74 34.13 10.31
CA VAL B 327 6.92 34.40 11.50
C VAL B 327 5.86 33.31 11.67
N LEU B 328 5.20 32.93 10.57
CA LEU B 328 4.22 31.86 10.63
C LEU B 328 4.87 30.54 11.05
N THR B 329 6.06 30.26 10.51
CA THR B 329 6.77 29.04 10.89
C THR B 329 7.13 29.05 12.38
N VAL B 330 7.59 30.20 12.88
CA VAL B 330 8.03 30.26 14.28
C VAL B 330 6.85 30.13 15.22
N ILE B 331 5.71 30.75 14.89
CA ILE B 331 4.55 30.60 15.76
C ILE B 331 4.00 29.18 15.67
N TYR B 332 4.02 28.59 14.46
CA TYR B 332 3.61 27.21 14.27
C TYR B 332 4.40 26.28 15.16
N ASN B 333 5.72 26.37 15.10
CA ASN B 333 6.57 25.48 15.90
C ASN B 333 6.44 25.76 17.39
N LYS B 334 6.33 27.04 17.77
CA LYS B 334 6.32 27.39 19.19
C LYS B 334 5.03 26.92 19.86
N TYR B 335 3.89 27.07 19.19
CA TYR B 335 2.62 26.84 19.87
C TYR B 335 1.92 25.56 19.47
N PHE B 336 2.22 24.98 18.31
CA PHE B 336 1.46 23.82 17.82
C PHE B 336 2.32 22.58 17.65
N VAL B 337 3.43 22.67 16.92
CA VAL B 337 4.22 21.47 16.63
C VAL B 337 4.85 20.92 17.89
N GLU B 338 5.58 21.76 18.64
CA GLU B 338 6.26 21.27 19.83
C GLU B 338 5.29 20.80 20.91
N PRO B 339 4.25 21.55 21.29
CA PRO B 339 3.33 21.04 22.33
C PRO B 339 2.64 19.75 21.94
N MET B 340 2.23 19.60 20.68
CA MET B 340 1.54 18.38 20.28
C MET B 340 2.50 17.20 20.17
N THR B 341 3.73 17.44 19.73
CA THR B 341 4.72 16.37 19.73
C THR B 341 5.04 15.93 21.15
N LYS B 342 5.10 16.88 22.09
CA LYS B 342 5.25 16.51 23.50
C LYS B 342 4.05 15.71 23.98
N TRP B 343 2.85 16.12 23.58
CA TRP B 343 1.64 15.41 24.00
C TRP B 343 1.62 13.99 23.48
N GLU B 344 2.18 13.76 22.29
CA GLU B 344 2.23 12.40 21.76
C GLU B 344 3.13 11.50 22.60
N ASN B 345 4.20 12.04 23.17
CA ASN B 345 5.12 11.29 24.03
C ASN B 345 5.71 10.09 23.30
N HIS B 346 6.49 10.39 22.26
CA HIS B 346 7.17 9.33 21.52
C HIS B 346 8.23 8.67 22.40
N SER B 347 8.39 7.36 22.22
CA SER B 347 9.35 6.60 23.02
C SER B 347 10.77 7.10 22.78
N SER B 348 11.24 7.01 21.54
CA SER B 348 12.59 7.43 21.19
C SER B 348 12.58 8.85 20.63
N VAL B 349 13.68 9.57 20.87
CA VAL B 349 13.79 10.95 20.41
C VAL B 349 13.83 11.02 18.89
N VAL B 350 14.33 9.96 18.23
CA VAL B 350 14.37 9.96 16.77
C VAL B 350 12.96 10.01 16.20
N ASN B 351 12.02 9.28 16.80
CA ASN B 351 10.63 9.36 16.38
C ASN B 351 10.06 10.75 16.57
N ALA B 352 10.42 11.40 17.68
CA ALA B 352 9.94 12.77 17.92
C ALA B 352 10.46 13.72 16.85
N LYS B 353 11.74 13.62 16.52
CA LYS B 353 12.30 14.48 15.48
C LYS B 353 11.67 14.19 14.12
N LYS B 354 11.43 12.92 13.80
CA LYS B 354 10.77 12.58 12.54
C LYS B 354 9.36 13.15 12.50
N SER B 355 8.62 13.06 13.60
CA SER B 355 7.27 13.62 13.64
C SER B 355 7.28 15.13 13.48
N LYS B 356 8.23 15.81 14.15
CA LYS B 356 8.35 17.25 13.98
C LYS B 356 8.67 17.62 12.54
N GLU B 357 9.58 16.88 11.90
CA GLU B 357 9.90 17.15 10.50
C GLU B 357 8.70 16.93 9.60
N ALA B 358 7.94 15.85 9.85
CA ALA B 358 6.75 15.58 9.04
C ALA B 358 5.72 16.69 9.18
N LYS B 359 5.50 17.17 10.41
CA LYS B 359 4.54 18.25 10.61
C LYS B 359 5.03 19.56 10.00
N ASN B 360 6.33 19.81 10.04
CA ASN B 360 6.88 21.04 9.49
C ASN B 360 7.06 21.00 7.98
N PHE B 361 6.93 19.83 7.35
CA PHE B 361 7.09 19.75 5.90
C PHE B 361 5.92 20.36 5.15
N VAL B 362 4.75 20.50 5.79
CA VAL B 362 3.60 21.09 5.11
C VAL B 362 3.87 22.55 4.76
N ILE B 363 4.44 23.30 5.70
CA ILE B 363 4.74 24.71 5.44
C ILE B 363 5.79 24.83 4.34
N ILE B 364 6.82 23.98 4.36
CA ILE B 364 7.84 24.03 3.32
C ILE B 364 7.25 23.73 1.96
N PHE B 365 6.38 22.71 1.89
CA PHE B 365 5.74 22.35 0.63
C PHE B 365 4.89 23.50 0.11
N LEU B 366 4.08 24.10 1.00
CA LEU B 366 3.19 25.17 0.56
C LEU B 366 3.92 26.49 0.35
N SER B 367 5.17 26.61 0.79
CA SER B 367 5.94 27.81 0.51
C SER B 367 6.86 27.66 -0.69
N SER B 368 7.17 26.45 -1.11
CA SER B 368 8.07 26.23 -2.24
C SER B 368 7.34 26.15 -3.58
N TYR B 369 6.25 25.40 -3.66
CA TYR B 369 5.59 25.14 -4.94
C TYR B 369 4.36 26.01 -5.19
N VAL B 370 3.75 26.55 -4.13
CA VAL B 370 2.49 27.27 -4.29
C VAL B 370 2.59 28.46 -5.23
N PRO B 371 3.62 29.32 -5.16
CA PRO B 371 3.67 30.44 -6.12
C PRO B 371 3.66 30.01 -7.57
N LEU B 372 4.40 28.94 -7.91
CA LEU B 372 4.42 28.48 -9.29
C LEU B 372 3.08 27.88 -9.71
N LEU B 373 2.44 27.13 -8.81
CA LEU B 373 1.11 26.58 -9.12
C LEU B 373 0.10 27.70 -9.31
N ILE B 374 0.18 28.76 -8.50
CA ILE B 374 -0.71 29.90 -8.66
C ILE B 374 -0.45 30.59 -10.00
N THR B 375 0.83 30.76 -10.37
CA THR B 375 1.15 31.42 -11.62
C THR B 375 0.71 30.60 -12.82
N LEU B 376 0.73 29.27 -12.72
CA LEU B 376 0.41 28.40 -13.85
C LEU B 376 -1.07 28.05 -13.94
N PHE B 377 -1.62 27.39 -12.92
CA PHE B 377 -3.02 26.98 -12.93
C PHE B 377 -3.97 28.17 -12.87
N LEU B 378 -3.62 29.21 -12.13
CA LEU B 378 -4.32 30.49 -12.13
C LEU B 378 -3.45 31.52 -12.82
N TYR B 379 -3.92 32.77 -12.79
CA TYR B 379 -3.23 33.92 -13.39
C TYR B 379 -3.19 33.84 -14.91
N LEU B 380 -2.37 32.94 -15.45
CA LEU B 380 -2.31 32.78 -16.90
C LEU B 380 -3.65 32.40 -17.51
N PRO B 381 -4.39 31.41 -16.98
CA PRO B 381 -5.70 31.10 -17.59
C PRO B 381 -6.77 32.13 -17.29
N MET B 382 -6.95 32.50 -16.02
CA MET B 382 -8.11 33.28 -15.60
C MET B 382 -7.81 34.77 -15.56
N GLY B 383 -6.65 35.19 -16.06
CA GLY B 383 -6.33 36.60 -16.07
C GLY B 383 -7.30 37.39 -16.93
N HIS B 384 -7.76 36.80 -18.04
CA HIS B 384 -8.65 37.56 -18.90
C HIS B 384 -9.97 37.88 -18.20
N LEU B 385 -10.40 37.02 -17.27
CA LEU B 385 -11.63 37.28 -16.54
C LEU B 385 -11.49 38.50 -15.64
N LEU B 386 -10.35 38.62 -14.95
CA LEU B 386 -10.15 39.66 -13.97
C LEU B 386 -9.66 40.96 -14.56
N THR B 387 -9.83 41.16 -15.87
CA THR B 387 -9.44 42.43 -16.49
C THR B 387 -10.24 43.59 -15.92
N ALA B 388 -11.54 43.41 -15.77
CA ALA B 388 -12.37 44.42 -15.14
C ALA B 388 -12.43 44.19 -13.63
N GLU B 389 -12.88 45.22 -12.92
CA GLU B 389 -13.01 45.15 -11.47
C GLU B 389 -14.08 44.14 -11.07
N ILE B 412 -3.19 42.94 -19.90
CA ILE B 412 -2.57 41.87 -20.68
C ILE B 412 -1.62 41.07 -19.79
N ILE B 413 -1.87 39.77 -19.68
CA ILE B 413 -1.10 38.92 -18.80
C ILE B 413 0.34 38.82 -19.30
N ASP B 414 1.27 38.61 -18.38
CA ASP B 414 2.68 38.43 -18.73
C ASP B 414 2.87 37.06 -19.35
N THR B 415 3.19 37.03 -20.64
CA THR B 415 3.34 35.77 -21.36
C THR B 415 4.57 34.99 -20.90
N LYS B 416 5.54 35.66 -20.28
CA LYS B 416 6.80 35.01 -19.88
C LYS B 416 7.03 35.05 -18.38
N ARG B 417 6.00 35.35 -17.58
CA ARG B 417 6.19 35.44 -16.14
C ARG B 417 6.65 34.11 -15.56
N TYR B 418 6.02 33.01 -15.99
CA TYR B 418 6.40 31.70 -15.50
C TYR B 418 7.81 31.31 -15.94
N GLU B 419 8.27 31.81 -17.09
CA GLU B 419 9.64 31.49 -17.51
C GLU B 419 10.66 32.03 -16.53
N ASP B 420 10.59 33.32 -16.19
CA ASP B 420 11.54 33.88 -15.25
C ASP B 420 11.31 33.35 -13.84
N GLN B 421 10.06 33.09 -13.47
CA GLN B 421 9.79 32.50 -12.15
C GLN B 421 10.45 31.13 -12.03
N PHE B 422 10.34 30.30 -13.06
CA PHE B 422 10.98 28.99 -13.03
C PHE B 422 12.49 29.10 -13.08
N PHE B 423 13.01 30.07 -13.85
CA PHE B 423 14.44 30.31 -13.84
C PHE B 423 14.93 30.62 -12.43
N TYR B 424 14.25 31.54 -11.73
CA TYR B 424 14.62 31.90 -10.37
C TYR B 424 14.48 30.74 -9.40
N PHE B 425 13.44 29.90 -9.55
CA PHE B 425 13.21 28.82 -8.61
C PHE B 425 13.99 27.55 -8.94
N ILE B 426 14.64 27.47 -10.10
CA ILE B 426 15.38 26.27 -10.46
C ILE B 426 16.87 26.50 -10.63
N VAL B 427 17.32 27.75 -10.73
CA VAL B 427 18.76 28.02 -10.87
C VAL B 427 19.22 28.92 -9.72
N ILE B 428 18.62 30.09 -9.60
CA ILE B 428 19.05 31.05 -8.58
C ILE B 428 18.81 30.50 -7.19
N ASN B 429 17.64 29.90 -6.95
CA ASN B 429 17.31 29.42 -5.62
C ASN B 429 18.24 28.31 -5.18
N GLN B 430 18.58 27.39 -6.08
CA GLN B 430 19.49 26.31 -5.72
C GLN B 430 20.90 26.83 -5.46
N LEU B 431 21.35 27.82 -6.24
CA LEU B 431 22.66 28.43 -5.97
C LEU B 431 22.67 29.10 -4.60
N ILE B 432 21.59 29.82 -4.25
CA ILE B 432 21.51 30.44 -2.94
C ILE B 432 21.54 29.38 -1.84
N GLN B 433 20.76 28.30 -2.02
CA GLN B 433 20.71 27.24 -1.01
C GLN B 433 22.08 26.60 -0.83
N PHE B 434 22.81 26.38 -1.92
CA PHE B 434 24.16 25.85 -1.81
C PHE B 434 25.08 26.84 -1.10
N SER B 435 24.90 28.13 -1.35
CA SER B 435 25.81 29.12 -0.77
C SER B 435 25.61 29.25 0.74
N MET B 436 24.36 29.38 1.20
CA MET B 436 24.17 29.62 2.63
C MET B 436 24.36 28.37 3.47
N GLU B 437 23.97 27.21 2.96
CA GLU B 437 24.08 25.96 3.72
C GLU B 437 25.55 25.54 3.83
N GLN B 469 49.69 23.62 27.42
CA GLN B 469 51.05 23.32 27.02
C GLN B 469 51.10 22.12 26.09
N LEU B 470 49.93 21.71 25.62
CA LEU B 470 49.85 20.56 24.72
C LEU B 470 50.39 20.91 23.35
N SER B 471 50.90 19.89 22.65
CA SER B 471 51.61 20.09 21.40
C SER B 471 50.64 20.51 20.29
N SER B 472 51.21 20.70 19.09
CA SER B 472 50.40 21.11 17.94
C SER B 472 49.39 20.04 17.55
N SER B 473 49.82 18.76 17.54
CA SER B 473 48.89 17.69 17.19
C SER B 473 47.83 17.50 18.27
N ASP B 474 48.22 17.61 19.54
CA ASP B 474 47.25 17.56 20.62
C ASP B 474 46.23 18.69 20.49
N MET B 475 46.71 19.89 20.16
CA MET B 475 45.80 21.00 19.92
C MET B 475 44.90 20.73 18.73
N LYS B 476 45.41 20.07 17.70
CA LYS B 476 44.58 19.74 16.54
C LYS B 476 43.45 18.80 16.93
N ILE B 477 43.77 17.76 17.72
CA ILE B 477 42.72 16.83 18.15
C ILE B 477 41.72 17.53 19.06
N TRP B 478 42.22 18.38 19.97
CA TRP B 478 41.35 19.11 20.87
C TRP B 478 40.41 20.03 20.11
N SER B 479 40.93 20.74 19.10
CA SER B 479 40.11 21.61 18.29
C SER B 479 39.12 20.82 17.44
N LYS B 480 39.51 19.62 17.00
CA LYS B 480 38.56 18.77 16.28
C LYS B 480 37.39 18.38 17.16
N VAL B 481 37.67 18.01 18.41
CA VAL B 481 36.59 17.69 19.34
C VAL B 481 35.73 18.91 19.61
N LYS B 482 36.37 20.07 19.79
CA LYS B 482 35.63 21.30 20.02
C LYS B 482 34.71 21.64 18.85
N SER B 483 35.22 21.48 17.63
CA SER B 483 34.39 21.70 16.45
C SER B 483 33.24 20.71 16.39
N TYR B 484 33.50 19.45 16.77
CA TYR B 484 32.42 18.48 16.87
C TYR B 484 31.35 18.93 17.86
N GLN B 485 31.74 19.67 18.90
CA GLN B 485 30.79 20.04 19.94
C GLN B 485 30.13 21.40 19.73
N THR B 486 30.78 22.33 19.03
CA THR B 486 30.28 23.70 18.96
C THR B 486 29.93 24.15 17.54
N ASP B 487 30.83 23.98 16.58
CA ASP B 487 30.65 24.61 15.27
C ASP B 487 29.44 24.02 14.55
N PRO B 488 28.72 24.83 13.76
CA PRO B 488 27.57 24.30 13.02
C PRO B 488 27.93 23.20 12.04
N TRP B 489 29.09 23.30 11.38
CA TRP B 489 29.49 22.24 10.45
C TRP B 489 29.99 21.01 11.18
N GLY B 490 30.35 21.13 12.46
CA GLY B 490 30.75 20.01 13.26
C GLY B 490 29.61 19.24 13.88
N ALA B 491 28.37 19.65 13.63
CA ALA B 491 27.22 18.94 14.16
C ALA B 491 27.07 17.59 13.45
N THR B 492 26.36 16.68 14.12
CA THR B 492 26.17 15.35 13.57
C THR B 492 25.38 15.41 12.27
N PHE B 493 25.63 14.44 11.39
CA PHE B 493 25.01 14.40 10.08
C PHE B 493 23.50 14.32 10.19
N ASP B 494 22.81 15.37 9.75
CA ASP B 494 21.35 15.43 9.80
C ASP B 494 20.81 14.86 8.50
N LEU B 495 20.31 13.62 8.56
CA LEU B 495 19.79 12.98 7.35
C LEU B 495 18.51 13.65 6.87
N ASP B 496 17.68 14.12 7.80
CA ASP B 496 16.39 14.68 7.42
C ASP B 496 16.56 16.00 6.67
N ALA B 497 17.38 16.91 7.21
CA ALA B 497 17.59 18.20 6.58
C ALA B 497 18.34 18.11 5.26
N ASN B 498 19.06 17.01 5.02
CA ASN B 498 19.75 16.80 3.76
C ASN B 498 18.90 16.06 2.74
N PHE B 499 17.98 15.23 3.20
CA PHE B 499 17.00 14.61 2.31
C PHE B 499 15.94 15.60 1.87
N LYS B 500 15.62 16.57 2.73
CA LYS B 500 14.56 17.52 2.42
C LYS B 500 14.91 18.39 1.22
N LYS B 501 16.15 18.88 1.15
CA LYS B 501 16.55 19.70 0.02
C LYS B 501 16.52 18.90 -1.29
N LEU B 502 16.96 17.64 -1.23
CA LEU B 502 16.95 16.79 -2.43
C LEU B 502 15.53 16.51 -2.88
N LEU B 503 14.63 16.25 -1.93
CA LEU B 503 13.24 15.99 -2.29
C LEU B 503 12.55 17.24 -2.82
N LEU B 504 12.90 18.43 -2.30
CA LEU B 504 12.34 19.65 -2.83
C LEU B 504 12.82 19.90 -4.26
N GLN B 505 14.11 19.70 -4.51
CA GLN B 505 14.62 19.83 -5.88
C GLN B 505 13.97 18.80 -6.79
N PHE B 506 13.72 17.59 -6.27
CA PHE B 506 13.02 16.57 -7.04
C PHE B 506 11.60 17.00 -7.38
N GLY B 507 10.91 17.60 -6.42
CA GLY B 507 9.56 18.10 -6.71
C GLY B 507 9.58 19.17 -7.79
N TYR B 508 10.56 20.08 -7.72
CA TYR B 508 10.69 21.09 -8.75
C TYR B 508 10.97 20.45 -10.11
N LEU B 509 11.82 19.43 -10.14
CA LEU B 509 12.21 18.80 -11.41
C LEU B 509 11.09 17.93 -11.98
N VAL B 510 10.21 17.42 -11.12
CA VAL B 510 9.13 16.55 -11.59
C VAL B 510 7.86 17.32 -11.93
N MET B 511 7.61 18.46 -11.29
CA MET B 511 6.37 19.19 -11.50
C MET B 511 6.45 20.25 -12.58
N PHE B 512 7.64 20.78 -12.88
CA PHE B 512 7.72 21.91 -13.80
C PHE B 512 8.86 21.81 -14.81
N SER B 513 9.50 20.66 -14.97
CA SER B 513 10.59 20.56 -15.95
C SER B 513 10.08 20.66 -17.37
N THR B 514 8.78 20.38 -17.59
CA THR B 514 8.22 20.53 -18.93
C THR B 514 8.23 21.98 -19.39
N ILE B 515 8.24 22.94 -18.46
CA ILE B 515 8.34 24.35 -18.83
C ILE B 515 9.68 24.63 -19.48
N TRP B 516 10.77 24.17 -18.85
CA TRP B 516 12.13 24.43 -19.32
C TRP B 516 12.88 23.11 -19.31
N PRO B 517 13.17 22.53 -20.48
CA PRO B 517 13.82 21.22 -20.52
C PRO B 517 15.24 21.22 -19.99
N LEU B 518 15.81 22.37 -19.64
CA LEU B 518 17.15 22.45 -19.08
C LEU B 518 17.18 22.23 -17.58
N ALA B 519 16.02 22.05 -16.95
CA ALA B 519 15.99 21.78 -15.52
C ALA B 519 16.75 20.52 -15.13
N PRO B 520 16.64 19.38 -15.84
CA PRO B 520 17.47 18.22 -15.47
C PRO B 520 18.96 18.51 -15.49
N PHE B 521 19.44 19.29 -16.45
CA PHE B 521 20.87 19.56 -16.54
C PHE B 521 21.35 20.42 -15.38
N ILE B 522 20.61 21.48 -15.06
CA ILE B 522 20.97 22.33 -13.92
C ILE B 522 20.90 21.53 -12.63
N CYS B 523 19.87 20.69 -12.49
CA CYS B 523 19.76 19.85 -11.30
C CYS B 523 20.92 18.89 -11.19
N LEU B 524 21.36 18.32 -12.32
CA LEU B 524 22.50 17.40 -12.30
C LEU B 524 23.78 18.11 -11.88
N ILE B 525 24.02 19.31 -12.42
CA ILE B 525 25.23 20.05 -12.05
C ILE B 525 25.21 20.41 -10.58
N VAL B 526 24.08 20.94 -10.10
CA VAL B 526 23.95 21.30 -8.70
C VAL B 526 24.11 20.07 -7.81
N ASN B 527 23.59 18.93 -8.26
CA ASN B 527 23.70 17.70 -7.48
C ASN B 527 25.14 17.22 -7.41
N LEU B 528 25.89 17.33 -8.50
CA LEU B 528 27.29 16.95 -8.44
C LEU B 528 28.07 17.83 -7.48
N ILE B 529 27.84 19.14 -7.53
CA ILE B 529 28.53 20.04 -6.62
C ILE B 529 28.13 19.75 -5.17
N VAL B 530 26.83 19.54 -4.93
CA VAL B 530 26.33 19.27 -3.58
C VAL B 530 26.89 17.95 -3.05
N TYR B 531 26.99 16.95 -3.91
CA TYR B 531 27.57 15.68 -3.50
C TYR B 531 29.03 15.85 -3.11
N GLN B 532 29.80 16.58 -3.93
CA GLN B 532 31.20 16.78 -3.60
C GLN B 532 31.41 17.60 -2.34
N VAL B 533 30.51 18.53 -2.04
CA VAL B 533 30.60 19.31 -0.80
C VAL B 533 30.18 18.47 0.40
N ASP B 534 29.08 17.73 0.27
CA ASP B 534 28.53 16.98 1.40
C ASP B 534 29.38 15.78 1.76
N LEU B 535 30.03 15.14 0.78
CA LEU B 535 30.96 14.07 1.13
C LEU B 535 32.06 14.59 2.05
N ARG B 536 32.70 15.69 1.65
CA ARG B 536 33.75 16.28 2.48
C ARG B 536 33.21 16.67 3.85
N LYS B 537 32.07 17.37 3.89
CA LYS B 537 31.55 17.81 5.18
C LYS B 537 31.23 16.62 6.08
N ALA B 538 30.43 15.67 5.60
CA ALA B 538 29.97 14.57 6.43
C ALA B 538 31.08 13.60 6.80
N VAL B 539 32.16 13.54 6.03
CA VAL B 539 33.27 12.66 6.35
C VAL B 539 34.29 13.34 7.26
N LEU B 540 34.86 14.47 6.83
CA LEU B 540 35.90 15.12 7.60
C LEU B 540 35.38 15.86 8.82
N TYR B 541 34.28 16.61 8.71
CA TYR B 541 33.90 17.54 9.75
C TYR B 541 32.74 17.06 10.62
N SER B 542 31.86 16.22 10.10
CA SER B 542 30.70 15.77 10.88
C SER B 542 31.14 14.89 12.04
N LYS B 543 30.50 15.08 13.18
CA LYS B 543 30.85 14.30 14.36
C LYS B 543 30.39 12.85 14.18
N PRO B 544 31.28 11.88 14.32
CA PRO B 544 30.90 10.48 14.08
C PRO B 544 29.86 10.00 15.08
N GLU B 545 29.12 8.97 14.66
CA GLU B 545 28.05 8.42 15.48
C GLU B 545 28.13 6.91 15.67
N TYR B 546 28.79 6.18 14.79
CA TYR B 546 28.77 4.71 14.81
C TYR B 546 30.19 4.18 14.98
N PHE B 547 30.38 3.36 16.00
CA PHE B 547 31.66 2.73 16.28
C PHE B 547 31.93 1.59 15.31
N PRO B 548 33.20 1.28 15.03
CA PRO B 548 33.51 0.09 14.24
C PRO B 548 33.20 -1.19 14.99
N PHE B 549 33.63 -1.28 16.23
CA PHE B 549 33.40 -2.48 17.04
C PHE B 549 31.93 -2.58 17.41
N PRO B 550 31.28 -3.71 17.16
CA PRO B 550 29.87 -3.86 17.54
C PRO B 550 29.73 -3.96 19.05
N ILE B 551 28.94 -3.05 19.63
CA ILE B 551 28.69 -2.99 21.06
C ILE B 551 27.19 -2.87 21.29
N TYR B 552 26.74 -3.24 22.49
CA TYR B 552 25.32 -3.14 22.81
C TYR B 552 25.04 -1.94 23.69
N VAL B 566 13.89 4.73 5.06
CA VAL B 566 14.01 6.11 5.50
C VAL B 566 12.76 6.54 6.25
N GLY B 567 11.60 6.11 5.75
CA GLY B 567 10.35 6.40 6.42
C GLY B 567 9.55 7.51 5.78
N LEU B 568 9.60 8.70 6.37
CA LEU B 568 8.81 9.82 5.88
C LEU B 568 9.21 10.22 4.47
N TRP B 569 10.51 10.22 4.18
CA TRP B 569 11.00 10.71 2.90
C TRP B 569 10.77 9.72 1.76
N ASN B 570 10.30 8.50 2.05
CA ASN B 570 9.82 7.62 1.01
C ASN B 570 8.39 7.94 0.61
N SER B 571 7.50 8.13 1.58
CA SER B 571 6.13 8.51 1.29
C SER B 571 6.07 9.89 0.64
N VAL B 572 6.89 10.83 1.13
CA VAL B 572 6.94 12.15 0.51
C VAL B 572 7.44 12.04 -0.92
N LEU B 573 8.43 11.19 -1.17
CA LEU B 573 8.92 10.98 -2.52
C LEU B 573 7.84 10.42 -3.43
N VAL B 574 7.07 9.44 -2.94
CA VAL B 574 6.00 8.86 -3.75
C VAL B 574 4.93 9.91 -4.06
N MET B 575 4.56 10.70 -3.05
CA MET B 575 3.58 11.76 -3.26
C MET B 575 4.09 12.77 -4.28
N PHE B 576 5.36 13.14 -4.19
CA PHE B 576 5.95 14.04 -5.17
C PHE B 576 5.94 13.44 -6.56
N SER B 577 6.22 12.15 -6.69
CA SER B 577 6.18 11.49 -8.00
C SER B 577 4.79 11.57 -8.61
N ILE B 578 3.77 11.19 -7.84
CA ILE B 578 2.40 11.20 -8.36
C ILE B 578 1.97 12.62 -8.72
N LEU B 579 2.25 13.57 -7.83
CA LEU B 579 1.87 14.96 -8.07
C LEU B 579 2.60 15.51 -9.29
N GLY B 580 3.88 15.17 -9.45
CA GLY B 580 4.62 15.65 -10.59
C GLY B 580 4.10 15.10 -11.90
N CYS B 581 3.77 13.81 -11.93
CA CYS B 581 3.17 13.25 -13.13
C CYS B 581 1.86 13.95 -13.46
N VAL B 582 0.99 14.15 -12.45
CA VAL B 582 -0.30 14.78 -12.68
C VAL B 582 -0.11 16.20 -13.20
N ILE B 583 0.72 17.00 -12.53
CA ILE B 583 0.88 18.40 -12.91
C ILE B 583 1.53 18.52 -14.28
N THR B 584 2.54 17.68 -14.57
CA THR B 584 3.18 17.72 -15.88
C THR B 584 2.18 17.41 -16.99
N ALA B 585 1.42 16.33 -16.83
CA ALA B 585 0.45 15.96 -17.86
C ALA B 585 -0.60 17.05 -18.03
N THR B 586 -1.12 17.59 -16.93
CA THR B 586 -2.14 18.63 -17.03
C THR B 586 -1.58 19.88 -17.69
N LEU B 587 -0.37 20.27 -17.32
CA LEU B 587 0.24 21.47 -17.90
C LEU B 587 0.44 21.31 -19.39
N THR B 588 0.93 20.14 -19.82
CA THR B 588 1.19 19.94 -21.24
C THR B 588 -0.12 19.81 -22.02
N TYR B 589 -1.17 19.29 -21.40
CA TYR B 589 -2.48 19.33 -22.03
C TYR B 589 -2.94 20.77 -22.20
N MET B 590 -2.72 21.60 -21.18
CA MET B 590 -3.24 22.97 -21.21
C MET B 590 -2.51 23.81 -22.25
N TYR B 591 -1.18 23.79 -22.26
CA TYR B 591 -0.41 24.82 -22.95
C TYR B 591 0.25 24.35 -24.24
N GLN B 592 0.00 23.10 -24.68
CA GLN B 592 0.57 22.67 -25.96
C GLN B 592 0.00 23.48 -27.11
N SER B 593 -1.29 23.79 -27.05
CA SER B 593 -1.97 24.58 -28.07
C SER B 593 -2.59 25.83 -27.46
N CYS B 594 -1.87 26.46 -26.53
CA CYS B 594 -2.36 27.64 -25.85
C CYS B 594 -2.36 28.84 -26.79
N ASN B 595 -3.35 29.72 -26.61
CA ASN B 595 -3.50 30.89 -27.46
C ASN B 595 -2.53 32.01 -27.11
N ILE B 596 -1.85 31.92 -25.96
CA ILE B 596 -0.84 32.92 -25.60
C ILE B 596 0.36 32.73 -26.54
N PRO B 597 0.80 33.79 -27.22
CA PRO B 597 1.91 33.63 -28.17
C PRO B 597 3.20 33.23 -27.46
N GLY B 598 3.99 32.41 -28.15
CA GLY B 598 5.27 31.99 -27.63
C GLY B 598 5.24 30.94 -26.56
N VAL B 599 4.09 30.33 -26.31
CA VAL B 599 3.98 29.32 -25.25
C VAL B 599 3.85 27.93 -25.85
N PRO B 616 -7.37 31.68 -24.17
CA PRO B 616 -6.12 31.06 -23.72
C PRO B 616 -6.09 29.57 -24.01
N ILE B 617 -6.51 28.76 -23.05
CA ILE B 617 -6.60 27.32 -23.27
C ILE B 617 -7.73 27.04 -24.25
N ASN B 618 -7.49 26.11 -25.17
CA ASN B 618 -8.52 25.65 -26.08
C ASN B 618 -9.40 24.56 -25.47
N HIS B 619 -9.39 24.47 -24.14
CA HIS B 619 -10.21 23.48 -23.43
C HIS B 619 -11.08 24.16 -22.40
N SER B 620 -11.75 23.39 -21.57
CA SER B 620 -12.65 23.91 -20.54
C SER B 620 -12.17 23.45 -19.17
N TRP B 621 -12.75 24.05 -18.13
CA TRP B 621 -12.38 23.71 -16.77
C TRP B 621 -12.82 22.31 -16.37
N ILE B 622 -13.67 21.66 -17.18
CA ILE B 622 -14.10 20.30 -16.89
C ILE B 622 -13.09 19.30 -17.44
N ASN B 623 -12.70 19.48 -18.70
CA ASN B 623 -11.79 18.54 -19.34
C ASN B 623 -10.44 18.50 -18.65
N ILE B 624 -9.96 19.66 -18.20
CA ILE B 624 -8.65 19.73 -17.55
C ILE B 624 -8.66 18.91 -16.26
N VAL B 625 -9.70 19.09 -15.44
CA VAL B 625 -9.79 18.37 -14.18
C VAL B 625 -9.99 16.88 -14.43
N LEU B 626 -10.79 16.52 -15.44
CA LEU B 626 -10.97 15.12 -15.77
C LEU B 626 -9.66 14.48 -16.21
N TYR B 627 -8.88 15.21 -17.02
CA TYR B 627 -7.57 14.70 -17.43
C TYR B 627 -6.64 14.55 -16.25
N ALA B 628 -6.68 15.50 -15.31
CA ALA B 628 -5.84 15.40 -14.12
C ALA B 628 -6.18 14.15 -13.32
N VAL B 629 -7.48 13.88 -13.14
CA VAL B 629 -7.89 12.69 -12.40
C VAL B 629 -7.48 11.42 -13.15
N PHE B 630 -7.66 11.41 -14.48
CA PHE B 630 -7.26 10.25 -15.26
C PHE B 630 -5.77 9.99 -15.14
N ILE B 631 -4.96 11.05 -15.21
CA ILE B 631 -3.51 10.89 -15.10
C ILE B 631 -3.12 10.41 -13.71
N GLU B 632 -3.80 10.92 -12.68
CA GLU B 632 -3.52 10.43 -11.33
C GLU B 632 -3.78 8.93 -11.23
N HIS B 633 -4.94 8.48 -11.73
CA HIS B 633 -5.27 7.07 -11.64
C HIS B 633 -4.31 6.21 -12.44
N VAL B 634 -3.98 6.64 -13.68
CA VAL B 634 -3.09 5.84 -14.51
C VAL B 634 -1.68 5.81 -13.93
N SER B 635 -1.24 6.91 -13.31
CA SER B 635 0.07 6.93 -12.68
C SER B 635 0.11 6.03 -11.47
N VAL B 636 -0.96 6.02 -10.67
CA VAL B 636 -1.01 5.11 -9.53
C VAL B 636 -1.00 3.66 -10.01
N ALA B 637 -1.72 3.35 -11.09
CA ALA B 637 -1.73 1.99 -11.61
C ALA B 637 -0.35 1.58 -12.13
N ILE B 638 0.31 2.47 -12.86
CA ILE B 638 1.65 2.18 -13.39
C ILE B 638 2.63 1.99 -12.24
N PHE B 639 2.55 2.84 -11.22
CA PHE B 639 3.45 2.72 -10.08
C PHE B 639 3.20 1.41 -9.33
N PHE B 640 1.93 1.00 -9.18
CA PHE B 640 1.64 -0.26 -8.53
C PHE B 640 2.20 -1.43 -9.32
N LEU B 641 2.05 -1.40 -10.65
CA LEU B 641 2.61 -2.47 -11.47
C LEU B 641 4.13 -2.53 -11.35
N PHE B 642 4.79 -1.37 -11.41
CA PHE B 642 6.25 -1.34 -11.28
C PHE B 642 6.69 -1.83 -9.91
N SER B 643 5.97 -1.41 -8.86
CA SER B 643 6.32 -1.83 -7.51
C SER B 643 6.18 -3.33 -7.35
N SER B 644 5.11 -3.91 -7.88
CA SER B 644 4.94 -5.36 -7.80
C SER B 644 6.03 -6.08 -8.57
N ILE B 645 6.34 -5.61 -9.78
CA ILE B 645 7.34 -6.26 -10.62
C ILE B 645 8.70 -6.25 -9.93
N LEU B 646 9.08 -5.10 -9.36
CA LEU B 646 10.39 -5.00 -8.72
C LEU B 646 10.41 -5.67 -7.35
N LYS B 647 9.26 -5.76 -6.68
CA LYS B 647 9.21 -6.40 -5.37
C LYS B 647 9.27 -7.92 -5.50
N SER B 648 8.74 -8.48 -6.59
CA SER B 648 8.80 -9.92 -6.79
C SER B 648 10.25 -10.40 -6.85
N SER B 649 11.16 -9.56 -7.30
CA SER B 649 12.58 -9.89 -7.32
C SER B 649 13.17 -9.82 -5.91
#